data_7U6B
#
_entry.id   7U6B
#
_cell.length_a   80.499
_cell.length_b   80.499
_cell.length_c   247.678
_cell.angle_alpha   90.000
_cell.angle_beta   90.000
_cell.angle_gamma   120.000
#
_symmetry.space_group_name_H-M   'P 31 2 1'
#
loop_
_entity.id
_entity.type
_entity.pdbx_description
1 polymer 'Polyamine deacetylase HDAC10'
2 non-polymer (2E)-N-hydroxy-3-{1-[2-(1H-indol-3-yl)ethyl]piperidin-4-yl}prop-2-enamide
3 non-polymer 'POTASSIUM ION'
4 non-polymer 'ZINC ION'
5 non-polymer 'PHOSPHATE ION'
6 water water
#
_entity_poly.entity_id   1
_entity_poly.type   'polypeptide(L)'
_entity_poly.pdbx_seq_one_letter_code
;AASGSALIFDEEMSRYKLLWTDPECEIEVPERLTVSYEALRTHGLAQRCKAVPVRQATEQEILLAHSEEYLEAVKQTPGM
NVEELMAFSKKYNAVYFHQNIYHCAKLAAGATLQLVDSVMKREVRNGMALVRPPGHHSQRSAANGFCVFNNVAFAALYAK
KNYNLNRILIVDWDVHHGQGIQYCFEEDPSVLYFSWHRYEHQSFWPNLPESDYSSVGKGKGSGFNINLPWNKVGMTNSDY
LAAFFHVLLPVAYEFDPELVIVSAGFDSAIGDPEGEMCALPEIFAHLTHLLMPLAAGKMCVVLEGGYNLTSLGQSVCQTV
HSLLGDPTPRISGLGTACDSALESIQNVRNVQSSYWSSFKHLAQSETNPKRPRLDATNGGPKESSEPASESNPKKTAQDI
VWPEPLKRMPASVRTVVVPPPGVELTLPKNCQHSGDISESTAKEVQRIRDKHFHDLTDQNILRSLGNIISVLDRMMRSDE
VCNGCVVVSDLSVSVQCALQHALTEPAERVLVVYVGDGELPVKTNDGKVFLVQICTKETEDKCVNRLTLCLREGESLTAG
FMQALLGLILPVAYEFNPALVLGIVEETAAKTRLMRVWGHMTCLIQGLARGRMLTLLQGYDKDLLELTVSALSGASISPL
GPLRAPKPEDVEMMEKQRQRLQERWGLLRCTVSESW
;
_entity_poly.pdbx_strand_id   B
#
# COMPACT_ATOMS: atom_id res chain seq x y z
N ALA A 1 16.96 -10.41 -10.66
CA ALA A 1 15.72 -10.11 -9.97
C ALA A 1 14.67 -9.67 -10.99
N ALA A 2 13.39 -9.86 -10.66
CA ALA A 2 12.31 -9.61 -11.60
C ALA A 2 12.12 -8.11 -11.86
N SER A 3 11.59 -7.80 -13.04
CA SER A 3 11.35 -6.42 -13.46
C SER A 3 10.06 -6.39 -14.30
N GLY A 4 9.37 -5.26 -14.26
CA GLY A 4 8.19 -5.08 -15.07
C GLY A 4 6.92 -5.42 -14.32
N SER A 5 5.80 -5.25 -15.02
CA SER A 5 4.47 -5.43 -14.46
C SER A 5 3.56 -6.04 -15.52
N ALA A 6 2.87 -7.12 -15.18
CA ALA A 6 1.99 -7.76 -16.15
C ALA A 6 0.63 -7.09 -16.16
N LEU A 7 0.00 -7.13 -17.33
CA LEU A 7 -1.38 -6.66 -17.46
C LEU A 7 -2.11 -7.73 -18.27
N ILE A 8 -3.07 -8.39 -17.63
CA ILE A 8 -3.80 -9.48 -18.26
C ILE A 8 -5.19 -8.95 -18.57
N PHE A 9 -5.58 -9.03 -19.84
CA PHE A 9 -6.87 -8.49 -20.26
C PHE A 9 -7.26 -9.19 -21.56
N ASP A 10 -8.57 -9.23 -21.83
CA ASP A 10 -9.05 -9.73 -23.11
C ASP A 10 -10.45 -9.24 -23.38
N GLU A 11 -10.66 -8.68 -24.59
CA GLU A 11 -11.96 -8.11 -24.93
C GLU A 11 -13.07 -9.15 -24.86
N GLU A 12 -12.73 -10.45 -24.90
CA GLU A 12 -13.77 -11.48 -24.86
C GLU A 12 -14.57 -11.42 -23.56
N MET A 13 -13.95 -11.07 -22.44
CA MET A 13 -14.66 -11.06 -21.15
C MET A 13 -15.71 -9.97 -21.06
N SER A 14 -15.77 -9.04 -22.01
CA SER A 14 -16.84 -8.07 -22.13
C SER A 14 -17.99 -8.58 -23.00
N ARG A 15 -17.92 -9.82 -23.49
CA ARG A 15 -18.93 -10.34 -24.39
C ARG A 15 -19.99 -11.19 -23.68
N TYR A 16 -20.41 -10.79 -22.48
CA TYR A 16 -21.61 -11.31 -21.83
C TYR A 16 -22.26 -10.14 -21.10
N LYS A 17 -23.58 -10.18 -21.00
CA LYS A 17 -24.32 -9.04 -20.45
C LYS A 17 -25.68 -9.51 -19.96
N LEU A 18 -26.33 -8.66 -19.17
CA LEU A 18 -27.68 -8.94 -18.66
C LEU A 18 -28.70 -8.85 -19.79
N LEU A 19 -29.58 -9.85 -19.89
CA LEU A 19 -30.47 -9.99 -21.03
C LEU A 19 -31.95 -9.73 -20.73
N TRP A 20 -32.31 -9.61 -19.45
CA TRP A 20 -33.65 -9.27 -19.01
C TRP A 20 -33.53 -8.13 -18.03
N THR A 21 -34.66 -7.49 -17.72
CA THR A 21 -34.59 -6.39 -16.77
C THR A 21 -34.63 -6.93 -15.34
N ASP A 22 -33.77 -6.35 -14.51
CA ASP A 22 -33.52 -6.79 -13.15
C ASP A 22 -32.68 -5.71 -12.50
N PRO A 23 -33.27 -4.83 -11.68
CA PRO A 23 -32.51 -3.70 -11.15
C PRO A 23 -31.42 -4.11 -10.17
N GLU A 24 -31.56 -5.27 -9.50
CA GLU A 24 -30.46 -5.83 -8.71
C GLU A 24 -29.16 -5.88 -9.51
N CYS A 25 -29.24 -6.29 -10.77
CA CYS A 25 -28.07 -6.62 -11.58
C CYS A 25 -27.72 -5.55 -12.61
N GLU A 26 -28.50 -4.48 -12.72
CA GLU A 26 -28.40 -3.55 -13.84
C GLU A 26 -27.04 -2.90 -13.97
N ILE A 27 -26.21 -2.95 -12.93
CA ILE A 27 -24.99 -2.14 -12.90
C ILE A 27 -23.76 -2.87 -13.41
N GLU A 28 -23.79 -4.20 -13.48
CA GLU A 28 -22.59 -4.95 -13.83
C GLU A 28 -22.51 -5.06 -15.36
N VAL A 29 -21.80 -4.12 -15.98
CA VAL A 29 -21.87 -3.98 -17.44
C VAL A 29 -20.54 -4.34 -18.09
N PRO A 30 -20.57 -4.75 -19.36
CA PRO A 30 -19.32 -4.96 -20.10
C PRO A 30 -18.43 -3.73 -20.17
N GLU A 31 -19.03 -2.53 -20.17
CA GLU A 31 -18.25 -1.31 -20.35
C GLU A 31 -17.28 -1.09 -19.21
N ARG A 32 -17.54 -1.69 -18.04
CA ARG A 32 -16.57 -1.58 -16.94
C ARG A 32 -15.21 -2.05 -17.39
N LEU A 33 -15.16 -3.13 -18.15
CA LEU A 33 -13.90 -3.67 -18.62
C LEU A 33 -13.26 -2.80 -19.71
N THR A 34 -14.07 -2.35 -20.68
CA THR A 34 -13.48 -1.61 -21.78
C THR A 34 -13.11 -0.19 -21.37
N VAL A 35 -13.93 0.45 -20.52
CA VAL A 35 -13.53 1.74 -19.97
C VAL A 35 -12.21 1.62 -19.20
N SER A 36 -12.06 0.57 -18.39
CA SER A 36 -10.84 0.42 -17.60
C SER A 36 -9.61 0.23 -18.49
N TYR A 37 -9.70 -0.67 -19.47
CA TYR A 37 -8.54 -0.87 -20.35
C TYR A 37 -8.27 0.38 -21.18
N GLU A 38 -9.33 1.03 -21.68
CA GLU A 38 -9.14 2.24 -22.47
C GLU A 38 -8.52 3.37 -21.66
N ALA A 39 -8.78 3.41 -20.34
CA ALA A 39 -8.14 4.45 -19.54
C ALA A 39 -6.64 4.16 -19.39
N LEU A 40 -6.27 2.88 -19.32
CA LEU A 40 -4.85 2.51 -19.23
C LEU A 40 -4.12 2.77 -20.54
N ARG A 41 -4.79 2.53 -21.68
CA ARG A 41 -4.17 2.86 -22.96
C ARG A 41 -4.08 4.38 -23.16
N THR A 42 -5.11 5.11 -22.73
CA THR A 42 -5.08 6.57 -22.86
C THR A 42 -3.94 7.20 -22.06
N HIS A 43 -3.60 6.64 -20.91
CA HIS A 43 -2.57 7.22 -20.04
C HIS A 43 -1.17 6.64 -20.27
N GLY A 44 -0.98 5.83 -21.30
CA GLY A 44 0.32 5.23 -21.55
C GLY A 44 0.66 4.03 -20.70
N LEU A 45 -0.23 3.58 -19.80
CA LEU A 45 0.16 2.58 -18.82
C LEU A 45 0.10 1.17 -19.37
N ALA A 46 -0.94 0.85 -20.16
CA ALA A 46 -1.03 -0.45 -20.83
C ALA A 46 0.24 -0.76 -21.62
N GLN A 47 0.66 0.19 -22.47
CA GLN A 47 1.88 0.07 -23.28
C GLN A 47 3.13 -0.21 -22.43
N ARG A 48 3.18 0.26 -21.19
CA ARG A 48 4.33 0.01 -20.34
C ARG A 48 4.30 -1.34 -19.64
N CYS A 49 3.24 -2.13 -19.80
CA CYS A 49 3.11 -3.41 -19.12
C CYS A 49 3.30 -4.58 -20.07
N LYS A 50 3.95 -5.63 -19.58
CA LYS A 50 3.99 -6.90 -20.27
C LYS A 50 2.58 -7.47 -20.48
N ALA A 51 2.06 -7.44 -21.70
CA ALA A 51 0.80 -8.13 -21.95
C ALA A 51 1.01 -9.63 -21.82
N VAL A 52 0.12 -10.28 -21.09
CA VAL A 52 0.23 -11.72 -20.89
C VAL A 52 -1.10 -12.27 -21.37
N PRO A 53 -1.11 -13.30 -22.23
CA PRO A 53 -2.37 -13.82 -22.74
C PRO A 53 -3.20 -14.46 -21.64
N VAL A 54 -4.50 -14.24 -21.73
CA VAL A 54 -5.51 -14.95 -20.98
C VAL A 54 -5.53 -16.43 -21.36
N ARG A 55 -5.99 -17.28 -20.44
CA ARG A 55 -6.24 -18.68 -20.76
C ARG A 55 -7.51 -19.12 -20.05
N GLN A 56 -7.88 -20.38 -20.23
CA GLN A 56 -9.01 -20.96 -19.53
C GLN A 56 -8.47 -21.69 -18.33
N ALA A 57 -9.11 -21.51 -17.18
CA ALA A 57 -8.88 -22.43 -16.08
C ALA A 57 -9.42 -23.80 -16.48
N THR A 58 -8.63 -24.83 -16.22
CA THR A 58 -9.02 -26.21 -16.51
C THR A 58 -10.05 -26.71 -15.49
N GLU A 59 -10.62 -27.88 -15.77
CA GLU A 59 -11.55 -28.50 -14.84
C GLU A 59 -10.90 -28.81 -13.50
N GLN A 60 -9.70 -29.41 -13.51
CA GLN A 60 -9.00 -29.69 -12.24
C GLN A 60 -8.80 -28.42 -11.42
N GLU A 61 -8.49 -27.31 -12.09
CA GLU A 61 -8.23 -26.07 -11.38
C GLU A 61 -9.51 -25.48 -10.78
N ILE A 62 -10.62 -25.50 -11.52
CA ILE A 62 -11.88 -25.02 -10.97
C ILE A 62 -12.28 -25.82 -9.74
N LEU A 63 -12.01 -27.13 -9.73
CA LEU A 63 -12.34 -27.99 -8.61
C LEU A 63 -11.45 -27.76 -7.39
N LEU A 64 -10.43 -26.90 -7.48
CA LEU A 64 -9.68 -26.54 -6.28
C LEU A 64 -10.61 -25.90 -5.26
N ALA A 65 -11.59 -25.16 -5.72
CA ALA A 65 -12.41 -24.31 -4.89
C ALA A 65 -13.90 -24.49 -5.08
N HIS A 66 -14.34 -25.39 -5.97
CA HIS A 66 -15.76 -25.53 -6.27
C HIS A 66 -16.13 -27.00 -6.39
N SER A 67 -17.40 -27.28 -6.16
CA SER A 67 -17.84 -28.66 -6.14
C SER A 67 -18.18 -29.14 -7.54
N GLU A 68 -18.02 -30.45 -7.77
CA GLU A 68 -18.36 -30.98 -9.09
C GLU A 68 -19.79 -30.69 -9.45
N GLU A 69 -20.70 -30.77 -8.47
CA GLU A 69 -22.12 -30.55 -8.77
C GLU A 69 -22.34 -29.17 -9.33
N TYR A 70 -21.65 -28.17 -8.77
CA TYR A 70 -21.91 -26.80 -9.18
C TYR A 70 -21.25 -26.53 -10.52
N LEU A 71 -20.02 -27.02 -10.70
CA LEU A 71 -19.34 -26.95 -11.99
C LEU A 71 -20.18 -27.61 -13.09
N GLU A 72 -20.73 -28.80 -12.81
CA GLU A 72 -21.58 -29.45 -13.80
C GLU A 72 -22.79 -28.58 -14.15
N ALA A 73 -23.42 -27.96 -13.16
CA ALA A 73 -24.60 -27.15 -13.43
C ALA A 73 -24.26 -25.92 -14.26
N VAL A 74 -23.12 -25.30 -13.98
CA VAL A 74 -22.72 -24.11 -14.73
C VAL A 74 -22.31 -24.49 -16.15
N LYS A 75 -21.66 -25.64 -16.31
CA LYS A 75 -21.28 -26.14 -17.63
C LYS A 75 -22.46 -26.20 -18.60
N GLN A 76 -23.69 -26.27 -18.11
CA GLN A 76 -24.83 -26.39 -18.97
C GLN A 76 -25.39 -25.05 -19.44
N THR A 77 -24.94 -23.95 -18.86
CA THR A 77 -25.59 -22.69 -19.21
C THR A 77 -25.32 -22.24 -20.64
N PRO A 78 -24.19 -22.57 -21.30
CA PRO A 78 -24.06 -22.21 -22.72
C PRO A 78 -25.10 -22.84 -23.61
N GLY A 79 -25.74 -23.95 -23.20
CA GLY A 79 -26.82 -24.55 -23.95
C GLY A 79 -28.20 -23.95 -23.71
N MET A 80 -28.28 -22.94 -22.85
CA MET A 80 -29.56 -22.46 -22.37
C MET A 80 -30.05 -21.23 -23.15
N ASN A 81 -31.35 -21.17 -23.36
CA ASN A 81 -31.96 -19.97 -23.90
C ASN A 81 -32.24 -18.99 -22.78
N VAL A 82 -32.89 -17.87 -23.11
CA VAL A 82 -33.03 -16.79 -22.14
C VAL A 82 -34.03 -17.15 -21.03
N GLU A 83 -35.14 -17.83 -21.37
CA GLU A 83 -36.04 -18.32 -20.31
C GLU A 83 -35.31 -19.25 -19.35
N GLU A 84 -34.56 -20.21 -19.89
CA GLU A 84 -33.86 -21.15 -19.03
C GLU A 84 -32.76 -20.48 -18.23
N LEU A 85 -32.09 -19.47 -18.81
CA LEU A 85 -31.01 -18.81 -18.10
C LEU A 85 -31.54 -17.96 -16.96
N MET A 86 -32.72 -17.36 -17.13
CA MET A 86 -33.39 -16.65 -16.04
C MET A 86 -33.77 -17.61 -14.91
N ALA A 87 -34.33 -18.76 -15.24
CA ALA A 87 -34.68 -19.75 -14.22
C ALA A 87 -33.45 -20.17 -13.41
N PHE A 88 -32.31 -20.34 -14.09
CA PHE A 88 -31.09 -20.76 -13.41
C PHE A 88 -30.52 -19.66 -12.53
N SER A 89 -30.62 -18.41 -12.97
CA SER A 89 -30.09 -17.29 -12.19
C SER A 89 -30.89 -17.03 -10.94
N LYS A 90 -32.21 -17.26 -10.99
CA LYS A 90 -33.09 -16.99 -9.84
C LYS A 90 -32.83 -17.93 -8.66
N LYS A 91 -32.10 -19.03 -8.87
CA LYS A 91 -31.70 -19.90 -7.76
C LYS A 91 -30.57 -19.32 -6.93
N TYR A 92 -29.95 -18.25 -7.40
CA TYR A 92 -28.80 -17.67 -6.72
C TYR A 92 -29.11 -16.21 -6.43
N ASN A 93 -28.31 -15.62 -5.58
CA ASN A 93 -28.57 -14.28 -5.06
C ASN A 93 -27.79 -13.24 -5.87
N ALA A 94 -28.51 -12.37 -6.56
CA ALA A 94 -27.93 -11.21 -7.25
C ALA A 94 -26.85 -11.63 -8.27
N VAL A 95 -27.24 -12.53 -9.17
CA VAL A 95 -26.33 -12.99 -10.21
C VAL A 95 -27.17 -13.30 -11.44
N TYR A 96 -26.66 -12.95 -12.61
CA TYR A 96 -27.30 -13.30 -13.87
C TYR A 96 -26.34 -14.13 -14.71
N PHE A 97 -26.89 -15.05 -15.48
CA PHE A 97 -26.11 -15.87 -16.39
C PHE A 97 -26.45 -15.50 -17.83
N HIS A 98 -25.51 -15.84 -18.72
CA HIS A 98 -25.58 -15.51 -20.14
C HIS A 98 -24.96 -16.69 -20.89
N GLN A 99 -25.35 -16.86 -22.17
CA GLN A 99 -24.81 -17.97 -22.97
C GLN A 99 -23.29 -18.05 -22.88
N ASN A 100 -22.62 -16.93 -22.65
CA ASN A 100 -21.17 -16.83 -22.77
C ASN A 100 -20.49 -16.61 -21.41
N ILE A 101 -21.24 -16.68 -20.30
CA ILE A 101 -20.62 -16.33 -19.03
C ILE A 101 -19.77 -17.46 -18.49
N TYR A 102 -20.15 -18.71 -18.72
CA TYR A 102 -19.28 -19.82 -18.36
C TYR A 102 -17.91 -19.66 -19.03
N HIS A 103 -17.91 -19.39 -20.34
CA HIS A 103 -16.66 -19.14 -21.05
C HIS A 103 -15.86 -18.03 -20.37
N CYS A 104 -16.47 -16.85 -20.20
CA CYS A 104 -15.76 -15.75 -19.55
C CYS A 104 -15.33 -16.08 -18.13
N ALA A 105 -16.14 -16.84 -17.38
CA ALA A 105 -15.72 -17.22 -16.04
C ALA A 105 -14.44 -18.03 -16.07
N LYS A 106 -14.32 -18.98 -17.02
CA LYS A 106 -13.06 -19.72 -17.12
C LYS A 106 -11.94 -18.82 -17.57
N LEU A 107 -12.24 -17.79 -18.38
CA LEU A 107 -11.20 -16.82 -18.77
C LEU A 107 -10.79 -15.96 -17.59
N ALA A 108 -11.76 -15.41 -16.83
CA ALA A 108 -11.43 -14.63 -15.64
C ALA A 108 -10.60 -15.45 -14.66
N ALA A 109 -10.93 -16.74 -14.54
CA ALA A 109 -10.17 -17.64 -13.66
C ALA A 109 -8.76 -17.88 -14.19
N GLY A 110 -8.64 -18.40 -15.42
CA GLY A 110 -7.34 -18.65 -16.01
C GLY A 110 -6.46 -17.41 -16.06
N ALA A 111 -7.05 -16.27 -16.39
CA ALA A 111 -6.30 -15.01 -16.38
C ALA A 111 -5.63 -14.76 -15.04
N THR A 112 -6.34 -15.04 -13.93
CA THR A 112 -5.76 -14.88 -12.61
C THR A 112 -4.61 -15.86 -12.38
N LEU A 113 -4.76 -17.11 -12.81
CA LEU A 113 -3.64 -18.04 -12.66
C LEU A 113 -2.47 -17.63 -13.55
N GLN A 114 -2.78 -17.11 -14.77
CA GLN A 114 -1.73 -16.56 -15.62
C GLN A 114 -0.93 -15.52 -14.87
N LEU A 115 -1.62 -14.63 -14.13
CA LEU A 115 -0.97 -13.61 -13.35
C LEU A 115 -0.12 -14.21 -12.22
N VAL A 116 -0.69 -15.20 -11.50
CA VAL A 116 0.06 -15.89 -10.45
C VAL A 116 1.31 -16.55 -11.01
N ASP A 117 1.20 -17.18 -12.19
CA ASP A 117 2.38 -17.85 -12.75
C ASP A 117 3.46 -16.86 -13.17
N SER A 118 3.07 -15.70 -13.69
CA SER A 118 4.09 -14.75 -14.13
C SER A 118 4.84 -14.15 -12.96
N VAL A 119 4.13 -13.87 -11.86
CA VAL A 119 4.77 -13.29 -10.68
C VAL A 119 5.63 -14.33 -9.96
N MET A 120 5.14 -15.57 -9.80
CA MET A 120 5.89 -16.58 -9.05
C MET A 120 7.06 -17.18 -9.83
N LYS A 121 7.06 -17.09 -11.16
CA LYS A 121 8.19 -17.50 -11.99
C LYS A 121 9.22 -16.39 -12.21
N ARG A 122 9.03 -15.21 -11.57
CA ARG A 122 9.93 -14.06 -11.61
C ARG A 122 9.98 -13.38 -12.98
N GLU A 123 8.98 -13.61 -13.81
CA GLU A 123 8.94 -12.99 -15.13
C GLU A 123 8.46 -11.55 -15.08
N VAL A 124 7.75 -11.17 -14.02
CA VAL A 124 7.44 -9.79 -13.69
C VAL A 124 7.53 -9.66 -12.18
N ARG A 125 7.60 -8.41 -11.70
CA ARG A 125 7.60 -8.21 -10.26
C ARG A 125 6.20 -8.34 -9.69
N ASN A 126 5.20 -7.88 -10.43
CA ASN A 126 3.84 -7.76 -9.96
C ASN A 126 2.96 -7.67 -11.19
N GLY A 127 1.67 -7.46 -11.00
CA GLY A 127 0.79 -7.30 -12.14
C GLY A 127 -0.65 -7.14 -11.73
N MET A 128 -1.48 -6.93 -12.75
CA MET A 128 -2.91 -6.74 -12.59
C MET A 128 -3.67 -7.51 -13.65
N ALA A 129 -4.78 -8.13 -13.26
CA ALA A 129 -5.69 -8.75 -14.21
C ALA A 129 -7.01 -7.99 -14.21
N LEU A 130 -7.34 -7.36 -15.33
CA LEU A 130 -8.69 -6.84 -15.53
C LEU A 130 -9.58 -7.97 -16.01
N VAL A 131 -10.50 -8.43 -15.16
CA VAL A 131 -11.30 -9.61 -15.47
C VAL A 131 -12.76 -9.33 -15.20
N ARG A 132 -13.60 -10.17 -15.77
CA ARG A 132 -15.04 -10.16 -15.58
C ARG A 132 -15.47 -11.58 -15.88
N PRO A 133 -16.38 -12.17 -15.10
CA PRO A 133 -17.08 -11.63 -13.93
C PRO A 133 -16.16 -11.54 -12.72
N PRO A 134 -16.59 -10.82 -11.66
CA PRO A 134 -15.76 -10.80 -10.45
C PRO A 134 -15.79 -12.17 -9.77
N GLY A 135 -15.02 -12.31 -8.71
CA GLY A 135 -14.94 -13.59 -8.02
C GLY A 135 -15.36 -13.64 -6.56
N HIS A 136 -15.14 -12.57 -5.78
CA HIS A 136 -14.96 -12.79 -4.34
C HIS A 136 -16.23 -13.21 -3.60
N HIS A 137 -17.41 -13.06 -4.20
CA HIS A 137 -18.63 -13.53 -3.56
C HIS A 137 -18.89 -15.01 -3.81
N SER A 138 -18.41 -15.52 -4.94
CA SER A 138 -18.59 -16.92 -5.32
C SER A 138 -18.25 -17.89 -4.18
N GLN A 139 -19.02 -18.97 -4.09
CA GLN A 139 -18.88 -19.96 -3.02
C GLN A 139 -18.71 -21.35 -3.61
N ARG A 140 -18.33 -22.31 -2.76
N ARG A 140 -18.32 -22.31 -2.76
CA ARG A 140 -17.95 -23.63 -3.23
CA ARG A 140 -17.96 -23.65 -3.21
C ARG A 140 -19.01 -24.28 -4.13
C ARG A 140 -19.01 -24.25 -4.15
N SER A 141 -20.30 -24.09 -3.82
CA SER A 141 -21.38 -24.63 -4.65
C SER A 141 -22.42 -23.59 -5.00
N ALA A 142 -22.04 -22.31 -5.11
CA ALA A 142 -23.05 -21.34 -5.51
C ALA A 142 -22.42 -20.11 -6.17
N ALA A 143 -23.16 -19.55 -7.13
CA ALA A 143 -22.90 -18.21 -7.63
C ALA A 143 -23.55 -17.17 -6.72
N ASN A 144 -22.94 -16.00 -6.67
CA ASN A 144 -23.41 -14.98 -5.75
C ASN A 144 -22.87 -13.62 -6.19
N GLY A 145 -23.72 -12.60 -6.14
CA GLY A 145 -23.29 -11.23 -6.35
C GLY A 145 -22.41 -11.02 -7.56
N PHE A 146 -22.92 -11.35 -8.74
CA PHE A 146 -22.26 -11.28 -10.04
C PHE A 146 -21.10 -12.24 -10.19
N CYS A 147 -20.72 -13.00 -9.17
CA CYS A 147 -19.56 -13.89 -9.26
C CYS A 147 -19.97 -15.32 -9.60
N VAL A 148 -19.26 -15.92 -10.54
CA VAL A 148 -19.47 -17.31 -10.92
C VAL A 148 -18.44 -18.24 -10.26
N PHE A 149 -17.15 -17.91 -10.38
CA PHE A 149 -16.08 -18.70 -9.78
C PHE A 149 -15.22 -17.75 -8.97
N ASN A 150 -14.54 -18.26 -7.97
CA ASN A 150 -13.82 -17.39 -7.05
C ASN A 150 -12.38 -17.24 -7.50
N ASN A 151 -12.16 -16.26 -8.40
CA ASN A 151 -10.85 -16.02 -9.02
C ASN A 151 -9.74 -15.89 -8.00
N VAL A 152 -9.93 -15.03 -7.00
CA VAL A 152 -8.91 -14.80 -5.99
C VAL A 152 -8.69 -16.05 -5.15
N ALA A 153 -9.75 -16.78 -4.82
CA ALA A 153 -9.56 -18.02 -4.07
C ALA A 153 -8.78 -19.04 -4.89
N PHE A 154 -9.10 -19.20 -6.18
CA PHE A 154 -8.27 -19.99 -7.09
C PHE A 154 -6.81 -19.63 -6.97
N ALA A 155 -6.50 -18.32 -7.04
CA ALA A 155 -5.12 -17.88 -7.11
C ALA A 155 -4.35 -18.36 -5.91
N ALA A 156 -4.95 -18.29 -4.71
CA ALA A 156 -4.26 -18.68 -3.48
C ALA A 156 -4.17 -20.19 -3.38
N LEU A 157 -5.24 -20.91 -3.72
CA LEU A 157 -5.17 -22.36 -3.71
C LEU A 157 -4.12 -22.86 -4.71
N TYR A 158 -4.13 -22.29 -5.92
CA TYR A 158 -3.18 -22.66 -6.97
C TYR A 158 -1.74 -22.34 -6.58
N ALA A 159 -1.51 -21.15 -6.00
CA ALA A 159 -0.16 -20.81 -5.55
C ALA A 159 0.29 -21.68 -4.39
N LYS A 160 -0.65 -22.15 -3.56
CA LYS A 160 -0.32 -23.13 -2.54
C LYS A 160 0.12 -24.45 -3.17
N LYS A 161 -0.70 -24.98 -4.09
CA LYS A 161 -0.45 -26.31 -4.64
C LYS A 161 0.85 -26.34 -5.44
N ASN A 162 1.05 -25.38 -6.33
CA ASN A 162 2.10 -25.44 -7.34
C ASN A 162 3.39 -24.76 -6.93
N TYR A 163 3.41 -24.03 -5.82
CA TYR A 163 4.63 -23.32 -5.45
C TYR A 163 5.03 -23.58 -4.01
N ASN A 164 4.30 -24.46 -3.31
CA ASN A 164 4.65 -24.86 -1.95
C ASN A 164 4.71 -23.64 -1.03
N LEU A 165 3.74 -22.74 -1.21
CA LEU A 165 3.70 -21.50 -0.44
C LEU A 165 3.05 -21.75 0.91
N ASN A 166 3.63 -21.16 1.94
CA ASN A 166 3.14 -21.29 3.30
C ASN A 166 2.26 -20.13 3.74
N ARG A 167 2.53 -18.92 3.27
CA ARG A 167 1.84 -17.73 3.75
C ARG A 167 1.39 -16.91 2.56
N ILE A 168 0.10 -16.63 2.48
CA ILE A 168 -0.48 -15.83 1.41
C ILE A 168 -1.39 -14.79 2.05
N LEU A 169 -1.14 -13.52 1.76
CA LEU A 169 -2.01 -12.44 2.18
C LEU A 169 -2.97 -12.07 1.05
N ILE A 170 -4.27 -12.06 1.35
CA ILE A 170 -5.30 -11.56 0.43
C ILE A 170 -5.86 -10.28 1.03
N VAL A 171 -5.77 -9.18 0.28
CA VAL A 171 -6.31 -7.89 0.70
C VAL A 171 -7.49 -7.56 -0.18
N ASP A 172 -8.68 -7.41 0.42
CA ASP A 172 -9.93 -7.24 -0.32
C ASP A 172 -10.47 -5.84 -0.02
N TRP A 173 -10.11 -4.88 -0.86
CA TRP A 173 -10.52 -3.51 -0.63
C TRP A 173 -11.74 -3.11 -1.45
N ASP A 174 -12.38 -4.07 -2.07
CA ASP A 174 -13.73 -3.90 -2.59
C ASP A 174 -14.62 -3.38 -1.49
N VAL A 175 -15.74 -2.72 -1.82
CA VAL A 175 -16.63 -2.20 -0.77
C VAL A 175 -17.56 -3.27 -0.23
N HIS A 176 -17.62 -4.45 -0.85
CA HIS A 176 -18.45 -5.54 -0.40
C HIS A 176 -17.61 -6.59 0.32
N HIS A 177 -18.23 -7.27 1.27
CA HIS A 177 -17.53 -8.35 1.97
C HIS A 177 -17.28 -9.51 1.03
N GLY A 178 -16.04 -9.97 0.97
CA GLY A 178 -15.74 -11.09 0.09
C GLY A 178 -15.98 -12.41 0.78
N GLN A 179 -17.26 -12.76 1.02
CA GLN A 179 -17.58 -13.87 1.91
C GLN A 179 -17.24 -15.22 1.31
N GLY A 180 -17.18 -15.33 -0.02
CA GLY A 180 -16.71 -16.57 -0.61
C GLY A 180 -15.27 -16.86 -0.26
N ILE A 181 -14.42 -15.83 -0.27
CA ILE A 181 -13.02 -15.99 0.12
C ILE A 181 -12.93 -16.42 1.57
N GLN A 182 -13.65 -15.72 2.45
CA GLN A 182 -13.67 -16.06 3.87
C GLN A 182 -14.07 -17.52 4.11
N TYR A 183 -15.18 -17.97 3.49
CA TYR A 183 -15.63 -19.35 3.69
C TYR A 183 -14.55 -20.32 3.31
N CYS A 184 -13.77 -19.98 2.29
CA CYS A 184 -12.88 -20.95 1.69
C CYS A 184 -11.63 -21.12 2.52
N PHE A 185 -11.25 -20.08 3.26
CA PHE A 185 -10.02 -20.08 4.05
C PHE A 185 -10.25 -19.89 5.54
N GLU A 186 -11.49 -20.01 6.06
CA GLU A 186 -11.68 -19.69 7.47
C GLU A 186 -10.92 -20.64 8.40
N GLU A 187 -10.67 -21.88 7.97
CA GLU A 187 -9.90 -22.80 8.79
C GLU A 187 -8.43 -22.87 8.38
N ASP A 188 -8.00 -22.05 7.42
CA ASP A 188 -6.67 -22.17 6.83
C ASP A 188 -5.74 -21.07 7.35
N PRO A 189 -4.83 -21.36 8.27
CA PRO A 189 -3.89 -20.33 8.76
C PRO A 189 -2.82 -19.94 7.76
N SER A 190 -2.79 -20.56 6.59
CA SER A 190 -1.80 -20.17 5.60
C SER A 190 -2.29 -19.04 4.70
N VAL A 191 -3.59 -18.76 4.66
CA VAL A 191 -4.13 -17.61 3.95
C VAL A 191 -4.71 -16.62 4.96
N LEU A 192 -4.05 -15.48 5.14
CA LEU A 192 -4.63 -14.37 5.88
C LEU A 192 -5.55 -13.54 4.96
N TYR A 193 -6.82 -13.41 5.34
CA TYR A 193 -7.79 -12.61 4.60
C TYR A 193 -8.13 -11.34 5.39
N PHE A 194 -7.93 -10.17 4.76
CA PHE A 194 -8.38 -8.89 5.26
C PHE A 194 -9.44 -8.33 4.31
N SER A 195 -10.58 -7.92 4.87
CA SER A 195 -11.61 -7.29 4.09
C SER A 195 -12.19 -6.13 4.88
N TRP A 196 -12.19 -4.94 4.29
CA TRP A 196 -13.09 -3.91 4.77
C TRP A 196 -14.33 -3.89 3.88
N HIS A 197 -15.44 -3.35 4.39
CA HIS A 197 -16.66 -3.43 3.60
C HIS A 197 -17.78 -2.62 4.23
N ARG A 198 -18.64 -2.09 3.37
CA ARG A 198 -19.85 -1.45 3.85
C ARG A 198 -20.75 -2.49 4.49
N TYR A 199 -21.04 -2.29 5.78
CA TYR A 199 -21.83 -3.19 6.61
C TYR A 199 -23.10 -2.54 7.08
N GLU A 200 -23.00 -1.34 7.65
CA GLU A 200 -24.15 -0.60 8.16
C GLU A 200 -24.95 -1.47 9.14
N HIS A 201 -24.23 -2.04 10.10
CA HIS A 201 -24.82 -2.91 11.14
C HIS A 201 -25.62 -4.04 10.53
N GLN A 202 -25.03 -4.68 9.51
CA GLN A 202 -25.59 -5.82 8.80
C GLN A 202 -26.77 -5.44 7.89
N SER A 203 -27.15 -4.18 7.78
CA SER A 203 -28.24 -3.89 6.88
C SER A 203 -27.82 -3.77 5.40
N PHE A 204 -26.52 -3.80 5.10
CA PHE A 204 -26.05 -3.76 3.71
C PHE A 204 -25.66 -5.14 3.20
N TRP A 205 -25.84 -5.34 1.89
CA TRP A 205 -25.65 -6.63 1.25
C TRP A 205 -24.20 -7.09 1.38
N PRO A 206 -23.94 -8.38 1.67
CA PRO A 206 -24.86 -9.52 1.72
C PRO A 206 -25.54 -9.80 3.09
N ASN A 207 -25.60 -8.82 4.01
CA ASN A 207 -26.40 -8.93 5.24
C ASN A 207 -26.00 -10.15 6.08
N LEU A 208 -24.70 -10.37 6.25
CA LEU A 208 -24.23 -11.56 6.92
C LEU A 208 -23.70 -11.25 8.31
N PRO A 209 -24.13 -11.99 9.33
CA PRO A 209 -23.49 -11.84 10.65
C PRO A 209 -22.00 -12.09 10.62
N GLU A 210 -21.52 -13.08 9.85
CA GLU A 210 -20.10 -13.39 9.76
C GLU A 210 -19.26 -12.27 9.15
N SER A 211 -19.87 -11.31 8.43
CA SER A 211 -19.13 -10.17 7.91
C SER A 211 -18.65 -9.24 9.03
N ASP A 212 -19.00 -9.51 10.28
CA ASP A 212 -18.68 -8.57 11.33
C ASP A 212 -17.28 -8.84 11.84
N TYR A 213 -16.76 -7.87 12.61
CA TYR A 213 -15.37 -7.91 13.06
C TYR A 213 -15.06 -9.09 13.98
N SER A 214 -16.07 -9.81 14.48
CA SER A 214 -15.82 -10.89 15.43
C SER A 214 -15.56 -12.22 14.75
N SER A 215 -15.71 -12.29 13.42
CA SER A 215 -15.29 -13.46 12.66
C SER A 215 -13.78 -13.36 12.50
N VAL A 216 -13.04 -14.17 13.24
CA VAL A 216 -11.59 -14.11 13.21
C VAL A 216 -10.97 -15.33 12.54
N GLY A 217 -11.80 -16.18 11.95
CA GLY A 217 -11.37 -17.52 11.58
C GLY A 217 -11.95 -18.56 12.50
N LYS A 218 -11.71 -19.83 12.16
CA LYS A 218 -12.21 -20.95 12.92
C LYS A 218 -11.13 -22.02 13.05
N GLY A 219 -11.00 -22.60 14.25
CA GLY A 219 -10.07 -23.70 14.45
C GLY A 219 -8.61 -23.28 14.32
N LYS A 220 -7.82 -24.09 13.62
CA LYS A 220 -6.42 -23.72 13.43
C LYS A 220 -6.26 -22.39 12.68
N GLY A 221 -7.33 -21.85 12.10
CA GLY A 221 -7.30 -20.60 11.36
C GLY A 221 -7.78 -19.36 12.09
N SER A 222 -7.98 -19.42 13.40
CA SER A 222 -8.44 -18.23 14.11
C SER A 222 -7.34 -17.19 14.15
N GLY A 223 -7.72 -15.94 13.88
CA GLY A 223 -6.75 -14.88 13.76
C GLY A 223 -6.25 -14.59 12.36
N PHE A 224 -6.61 -15.41 11.37
CA PHE A 224 -6.21 -15.20 9.99
C PHE A 224 -7.38 -14.80 9.10
N ASN A 225 -8.51 -14.41 9.71
CA ASN A 225 -9.58 -13.69 9.06
C ASN A 225 -9.79 -12.38 9.79
N ILE A 226 -9.69 -11.25 9.09
CA ILE A 226 -9.90 -9.93 9.67
C ILE A 226 -10.96 -9.19 8.87
N ASN A 227 -12.12 -8.96 9.48
CA ASN A 227 -13.18 -8.15 8.89
C ASN A 227 -13.21 -6.78 9.55
N LEU A 228 -13.23 -5.72 8.73
CA LEU A 228 -13.37 -4.36 9.24
C LEU A 228 -14.64 -3.77 8.66
N PRO A 229 -15.75 -3.82 9.39
CA PRO A 229 -17.02 -3.28 8.87
C PRO A 229 -17.07 -1.76 8.95
N TRP A 230 -17.46 -1.13 7.84
CA TRP A 230 -17.83 0.28 7.83
C TRP A 230 -19.31 0.39 8.14
N ASN A 231 -19.65 1.04 9.25
CA ASN A 231 -21.02 1.12 9.68
C ASN A 231 -21.69 2.44 9.30
N LYS A 232 -21.00 3.31 8.54
CA LYS A 232 -21.63 4.47 7.90
C LYS A 232 -21.06 4.58 6.49
N VAL A 233 -21.79 5.25 5.61
CA VAL A 233 -21.27 5.52 4.28
C VAL A 233 -20.41 6.76 4.37
N GLY A 234 -19.82 7.17 3.26
CA GLY A 234 -19.01 8.39 3.24
C GLY A 234 -17.61 8.29 3.81
N MET A 235 -17.06 7.09 3.95
CA MET A 235 -15.69 6.95 4.43
C MET A 235 -14.70 7.69 3.54
N THR A 236 -13.64 8.20 4.15
CA THR A 236 -12.70 9.10 3.48
C THR A 236 -11.30 8.49 3.38
N ASN A 237 -10.39 9.24 2.73
CA ASN A 237 -9.02 8.78 2.68
C ASN A 237 -8.48 8.51 4.07
N SER A 238 -8.82 9.37 5.04
CA SER A 238 -8.31 9.20 6.40
C SER A 238 -8.85 7.92 7.06
N ASP A 239 -10.10 7.55 6.76
CA ASP A 239 -10.62 6.28 7.25
C ASP A 239 -9.89 5.09 6.64
N TYR A 240 -9.70 5.11 5.32
CA TYR A 240 -8.98 4.03 4.65
C TYR A 240 -7.54 3.95 5.12
N LEU A 241 -6.85 5.09 5.22
CA LEU A 241 -5.47 5.06 5.68
C LEU A 241 -5.39 4.59 7.13
N ALA A 242 -6.30 5.06 7.99
CA ALA A 242 -6.34 4.62 9.38
C ALA A 242 -6.55 3.11 9.49
N ALA A 243 -7.43 2.55 8.65
CA ALA A 243 -7.55 1.10 8.56
C ALA A 243 -6.23 0.42 8.21
N PHE A 244 -5.44 1.02 7.29
CA PHE A 244 -4.19 0.40 6.89
C PHE A 244 -3.10 0.53 7.97
N PHE A 245 -2.96 1.70 8.59
CA PHE A 245 -1.86 1.88 9.54
C PHE A 245 -2.12 1.15 10.86
N HIS A 246 -3.38 1.06 11.27
CA HIS A 246 -3.65 0.53 12.60
C HIS A 246 -4.25 -0.86 12.58
N VAL A 247 -4.67 -1.36 11.42
CA VAL A 247 -5.16 -2.72 11.41
C VAL A 247 -4.37 -3.57 10.42
N LEU A 248 -4.34 -3.18 9.13
CA LEU A 248 -3.90 -4.12 8.10
C LEU A 248 -2.38 -4.28 8.07
N LEU A 249 -1.64 -3.17 8.01
CA LEU A 249 -0.17 -3.25 7.90
C LEU A 249 0.52 -3.84 9.13
N PRO A 250 0.16 -3.47 10.38
CA PRO A 250 0.78 -4.18 11.51
C PRO A 250 0.63 -5.67 11.38
N VAL A 251 -0.58 -6.14 11.06
CA VAL A 251 -0.84 -7.57 10.90
C VAL A 251 -0.08 -8.14 9.70
N ALA A 252 -0.02 -7.41 8.59
CA ALA A 252 0.59 -7.95 7.38
C ALA A 252 2.11 -8.08 7.51
N TYR A 253 2.80 -7.08 8.07
CA TYR A 253 4.25 -7.20 8.15
C TYR A 253 4.71 -8.23 9.16
N GLU A 254 3.85 -8.64 10.08
CA GLU A 254 4.19 -9.68 11.05
C GLU A 254 3.93 -11.08 10.48
N PHE A 255 2.84 -11.20 9.71
CA PHE A 255 2.54 -12.40 8.97
C PHE A 255 3.64 -12.77 8.00
N ASP A 256 4.29 -11.76 7.39
CA ASP A 256 5.35 -11.90 6.40
C ASP A 256 4.92 -12.79 5.24
N PRO A 257 3.98 -12.34 4.42
CA PRO A 257 3.43 -13.21 3.37
C PRO A 257 4.43 -13.46 2.25
N GLU A 258 4.33 -14.63 1.65
CA GLU A 258 5.20 -14.94 0.52
C GLU A 258 4.64 -14.43 -0.78
N LEU A 259 3.36 -14.06 -0.80
CA LEU A 259 2.70 -13.49 -1.96
C LEU A 259 1.51 -12.69 -1.46
N VAL A 260 1.19 -11.61 -2.17
CA VAL A 260 0.07 -10.74 -1.85
C VAL A 260 -0.89 -10.76 -3.02
N ILE A 261 -2.15 -11.12 -2.76
CA ILE A 261 -3.22 -11.05 -3.75
C ILE A 261 -4.21 -9.99 -3.30
N VAL A 262 -4.59 -9.09 -4.19
CA VAL A 262 -5.52 -8.01 -3.89
C VAL A 262 -6.82 -8.26 -4.66
N SER A 263 -7.93 -8.30 -3.94
CA SER A 263 -9.25 -8.24 -4.57
C SER A 263 -9.58 -6.76 -4.74
N ALA A 264 -9.23 -6.21 -5.89
CA ALA A 264 -9.32 -4.78 -6.10
C ALA A 264 -10.67 -4.45 -6.70
N GLY A 265 -11.63 -4.14 -5.84
CA GLY A 265 -12.86 -3.50 -6.27
C GLY A 265 -12.74 -2.01 -6.05
N PHE A 266 -13.18 -1.23 -7.03
CA PHE A 266 -13.09 0.22 -6.89
C PHE A 266 -14.47 0.84 -6.65
N ASP A 267 -15.43 0.01 -6.26
CA ASP A 267 -16.67 0.53 -5.72
C ASP A 267 -16.51 1.15 -4.35
N SER A 268 -15.32 1.13 -3.77
CA SER A 268 -15.05 1.88 -2.56
C SER A 268 -14.54 3.29 -2.84
N ALA A 269 -14.45 3.67 -4.11
CA ALA A 269 -13.98 4.97 -4.54
C ALA A 269 -15.12 5.98 -4.62
N ILE A 270 -14.79 7.26 -4.45
CA ILE A 270 -15.77 8.34 -4.61
C ILE A 270 -16.61 8.14 -5.85
N GLY A 271 -17.90 8.47 -5.75
CA GLY A 271 -18.82 8.47 -6.87
C GLY A 271 -19.49 7.14 -7.15
N ASP A 272 -19.14 6.08 -6.45
CA ASP A 272 -19.69 4.79 -6.81
C ASP A 272 -21.08 4.65 -6.20
N PRO A 273 -22.08 4.20 -6.98
CA PRO A 273 -23.44 4.15 -6.45
C PRO A 273 -23.71 2.97 -5.52
N GLU A 274 -22.83 1.98 -5.51
CA GLU A 274 -22.97 0.87 -4.56
C GLU A 274 -22.24 1.10 -3.24
N GLY A 275 -21.09 1.75 -3.26
CA GLY A 275 -20.35 1.89 -2.02
C GLY A 275 -20.68 3.16 -1.29
N GLU A 276 -20.89 4.23 -2.05
CA GLU A 276 -21.21 5.57 -1.55
C GLU A 276 -20.14 6.10 -0.60
N MET A 277 -18.91 5.59 -0.72
CA MET A 277 -17.80 6.16 0.04
C MET A 277 -17.29 7.43 -0.67
N CYS A 278 -16.24 8.03 -0.09
CA CYS A 278 -15.76 9.34 -0.53
C CYS A 278 -14.25 9.34 -0.76
N ALA A 279 -13.62 8.18 -0.86
CA ALA A 279 -12.19 8.11 -1.02
C ALA A 279 -11.83 8.39 -2.47
N LEU A 280 -10.82 9.21 -2.65
CA LEU A 280 -10.38 9.68 -3.96
C LEU A 280 -9.59 8.58 -4.66
N PRO A 281 -9.67 8.55 -5.99
CA PRO A 281 -8.90 7.55 -6.73
C PRO A 281 -7.44 7.50 -6.30
N GLU A 282 -6.86 8.63 -5.95
CA GLU A 282 -5.46 8.64 -5.57
C GLU A 282 -5.15 7.74 -4.38
N ILE A 283 -6.13 7.50 -3.51
CA ILE A 283 -5.87 6.67 -2.33
C ILE A 283 -5.35 5.30 -2.74
N PHE A 284 -5.83 4.77 -3.87
CA PHE A 284 -5.43 3.44 -4.31
C PHE A 284 -3.96 3.41 -4.73
N ALA A 285 -3.42 4.54 -5.17
CA ALA A 285 -1.98 4.63 -5.38
C ALA A 285 -1.22 4.40 -4.08
N HIS A 286 -1.80 4.80 -2.94
CA HIS A 286 -1.12 4.60 -1.67
C HIS A 286 -1.43 3.24 -1.06
N LEU A 287 -2.68 2.78 -1.20
CA LEU A 287 -3.02 1.42 -0.78
C LEU A 287 -2.11 0.41 -1.47
N THR A 288 -1.86 0.59 -2.77
CA THR A 288 -0.94 -0.28 -3.49
C THR A 288 0.47 -0.09 -2.96
N HIS A 289 0.90 1.16 -2.81
CA HIS A 289 2.28 1.44 -2.42
C HIS A 289 2.62 0.83 -1.06
N LEU A 290 1.71 0.93 -0.09
CA LEU A 290 2.00 0.48 1.26
C LEU A 290 2.14 -1.03 1.35
N LEU A 291 1.60 -1.77 0.38
CA LEU A 291 1.71 -3.22 0.33
C LEU A 291 2.92 -3.72 -0.48
N MET A 292 3.48 -2.90 -1.36
CA MET A 292 4.56 -3.37 -2.24
C MET A 292 5.85 -3.81 -1.55
N PRO A 293 6.19 -3.36 -0.33
CA PRO A 293 7.35 -3.96 0.35
C PRO A 293 7.09 -5.34 0.89
N LEU A 294 5.88 -5.86 0.81
CA LEU A 294 5.64 -7.22 1.30
C LEU A 294 6.01 -8.21 0.20
N ALA A 295 6.63 -9.32 0.62
CA ALA A 295 6.83 -10.47 -0.27
C ALA A 295 7.70 -10.11 -1.47
N ALA A 296 8.73 -9.30 -1.23
CA ALA A 296 9.63 -8.85 -2.28
C ALA A 296 8.87 -8.22 -3.44
N GLY A 297 7.74 -7.59 -3.14
CA GLY A 297 6.97 -6.90 -4.16
C GLY A 297 6.08 -7.79 -4.98
N LYS A 298 6.00 -9.10 -4.68
CA LYS A 298 5.23 -10.03 -5.47
C LYS A 298 3.74 -9.84 -5.23
N MET A 299 3.09 -9.04 -6.06
CA MET A 299 1.72 -8.61 -5.83
C MET A 299 0.85 -8.84 -7.05
N CYS A 300 -0.26 -9.55 -6.88
CA CYS A 300 -1.20 -9.75 -7.97
C CYS A 300 -2.51 -9.05 -7.65
N VAL A 301 -2.84 -8.02 -8.43
CA VAL A 301 -4.06 -7.24 -8.27
C VAL A 301 -5.12 -7.77 -9.22
N VAL A 302 -6.26 -8.19 -8.69
CA VAL A 302 -7.33 -8.80 -9.49
C VAL A 302 -8.57 -7.94 -9.37
N LEU A 303 -9.06 -7.42 -10.50
CA LEU A 303 -10.22 -6.53 -10.49
C LEU A 303 -11.49 -7.27 -10.03
N GLU A 304 -12.28 -6.60 -9.16
CA GLU A 304 -13.55 -7.13 -8.66
C GLU A 304 -14.66 -6.18 -9.09
N GLY A 305 -15.20 -5.36 -8.17
CA GLY A 305 -16.24 -4.41 -8.49
C GLY A 305 -15.72 -3.05 -8.94
N GLY A 306 -16.67 -2.14 -9.18
CA GLY A 306 -16.37 -0.81 -9.70
C GLY A 306 -17.42 -0.45 -10.72
N TYR A 307 -18.29 0.52 -10.44
CA TYR A 307 -19.46 0.72 -11.26
C TYR A 307 -19.67 2.13 -11.77
N ASN A 308 -18.96 3.12 -11.24
CA ASN A 308 -19.01 4.46 -11.81
C ASN A 308 -17.91 4.51 -12.85
N LEU A 309 -18.29 4.48 -14.13
CA LEU A 309 -17.31 4.27 -15.18
C LEU A 309 -16.17 5.29 -15.11
N THR A 310 -16.43 6.47 -14.54
CA THR A 310 -15.37 7.48 -14.45
C THR A 310 -14.40 7.20 -13.32
N SER A 311 -14.86 7.22 -12.06
CA SER A 311 -13.94 6.87 -10.97
C SER A 311 -13.28 5.51 -11.23
N LEU A 312 -13.98 4.61 -11.92
CA LEU A 312 -13.42 3.30 -12.21
C LEU A 312 -12.11 3.46 -12.99
N GLY A 313 -12.13 4.24 -14.06
CA GLY A 313 -10.93 4.44 -14.84
C GLY A 313 -9.79 5.06 -14.06
N GLN A 314 -10.08 6.06 -13.25
CA GLN A 314 -9.01 6.76 -12.55
C GLN A 314 -8.38 5.89 -11.47
N SER A 315 -9.18 5.05 -10.79
CA SER A 315 -8.59 4.25 -9.72
C SER A 315 -7.78 3.10 -10.27
N VAL A 316 -8.22 2.51 -11.39
CA VAL A 316 -7.40 1.51 -12.08
C VAL A 316 -6.03 2.09 -12.44
N CYS A 317 -6.00 3.29 -13.04
CA CYS A 317 -4.70 3.89 -13.38
C CYS A 317 -3.84 4.20 -12.17
N GLN A 318 -4.40 4.75 -11.11
CA GLN A 318 -3.60 5.02 -9.92
C GLN A 318 -2.99 3.73 -9.36
N THR A 319 -3.68 2.61 -9.54
CA THR A 319 -3.13 1.34 -9.09
C THR A 319 -1.98 0.89 -9.98
N VAL A 320 -2.18 0.89 -11.31
CA VAL A 320 -1.11 0.46 -12.20
C VAL A 320 0.07 1.42 -12.13
N HIS A 321 -0.20 2.72 -11.98
CA HIS A 321 0.88 3.69 -11.78
C HIS A 321 1.79 3.26 -10.64
N SER A 322 1.22 2.82 -9.51
CA SER A 322 2.04 2.44 -8.39
C SER A 322 2.70 1.09 -8.62
N LEU A 323 2.07 0.21 -9.41
CA LEU A 323 2.70 -1.07 -9.74
C LEU A 323 3.96 -0.87 -10.59
N LEU A 324 3.91 0.05 -11.55
CA LEU A 324 5.09 0.43 -12.33
C LEU A 324 6.12 1.27 -11.56
N GLY A 325 5.85 1.63 -10.30
CA GLY A 325 6.79 2.41 -9.51
C GLY A 325 6.75 3.91 -9.74
N ASP A 326 5.72 4.43 -10.42
CA ASP A 326 5.67 5.87 -10.61
C ASP A 326 5.51 6.56 -9.26
N PRO A 327 5.91 7.82 -9.16
CA PRO A 327 5.78 8.55 -7.89
C PRO A 327 4.31 8.70 -7.49
N THR A 328 4.05 8.55 -6.22
CA THR A 328 2.68 8.59 -5.71
C THR A 328 2.20 10.04 -5.59
N PRO A 329 0.91 10.30 -5.81
CA PRO A 329 0.40 11.67 -5.63
C PRO A 329 0.38 12.05 -4.17
N ARG A 330 0.49 13.35 -3.92
CA ARG A 330 0.32 13.86 -2.56
C ARG A 330 -1.15 13.80 -2.17
N ILE A 331 -1.44 13.34 -0.96
CA ILE A 331 -2.79 13.35 -0.42
C ILE A 331 -2.89 14.49 0.59
N SER A 332 -3.75 15.46 0.32
CA SER A 332 -3.95 16.54 1.25
C SER A 332 -5.24 16.35 2.03
N GLY A 333 -5.36 17.07 3.15
CA GLY A 333 -6.59 17.07 3.91
C GLY A 333 -6.81 15.91 4.85
N LEU A 334 -5.75 15.19 5.23
CA LEU A 334 -5.90 14.04 6.09
C LEU A 334 -5.97 14.45 7.55
N GLY A 335 -6.71 13.68 8.32
CA GLY A 335 -6.81 13.89 9.74
C GLY A 335 -7.39 12.66 10.40
N THR A 336 -8.24 12.85 11.39
CA THR A 336 -8.74 11.72 12.16
C THR A 336 -9.77 10.93 11.36
N ALA A 337 -9.76 9.62 11.52
CA ALA A 337 -10.90 8.83 11.07
C ALA A 337 -12.16 9.29 11.80
N CYS A 338 -13.29 9.15 11.13
CA CYS A 338 -14.58 9.46 11.73
C CYS A 338 -14.92 8.47 12.85
N ASP A 339 -15.85 8.89 13.72
CA ASP A 339 -16.12 8.15 14.95
C ASP A 339 -16.56 6.71 14.67
N SER A 340 -17.40 6.53 13.65
CA SER A 340 -17.82 5.19 13.26
C SER A 340 -16.63 4.34 12.80
N ALA A 341 -15.69 4.95 12.08
CA ALA A 341 -14.52 4.20 11.65
C ALA A 341 -13.64 3.87 12.84
N LEU A 342 -13.49 4.82 13.76
CA LEU A 342 -12.63 4.54 14.92
C LEU A 342 -13.24 3.48 15.81
N GLU A 343 -14.57 3.44 15.92
CA GLU A 343 -15.23 2.36 16.65
C GLU A 343 -14.95 1.01 16.00
N SER A 344 -15.16 0.89 14.69
CA SER A 344 -14.85 -0.33 13.94
C SER A 344 -13.39 -0.74 14.10
N ILE A 345 -12.47 0.21 13.90
CA ILE A 345 -11.03 -0.05 14.04
C ILE A 345 -10.73 -0.52 15.46
N GLN A 346 -11.26 0.17 16.45
CA GLN A 346 -11.04 -0.19 17.85
C GLN A 346 -11.56 -1.61 18.14
N ASN A 347 -12.71 -1.97 17.56
CA ASN A 347 -13.32 -3.25 17.89
C ASN A 347 -12.56 -4.40 17.24
N VAL A 348 -12.06 -4.21 16.02
CA VAL A 348 -11.23 -5.23 15.38
C VAL A 348 -9.94 -5.43 16.16
N ARG A 349 -9.29 -4.33 16.53
CA ARG A 349 -8.02 -4.43 17.23
C ARG A 349 -8.18 -5.20 18.53
N ASN A 350 -9.28 -4.96 19.23
CA ASN A 350 -9.47 -5.62 20.52
C ASN A 350 -9.75 -7.10 20.35
N VAL A 351 -10.62 -7.47 19.40
CA VAL A 351 -10.90 -8.90 19.21
C VAL A 351 -9.67 -9.63 18.64
N GLN A 352 -8.87 -8.96 17.82
CA GLN A 352 -7.68 -9.59 17.24
C GLN A 352 -6.48 -9.59 18.19
N SER A 353 -6.58 -8.96 19.36
CA SER A 353 -5.42 -8.88 20.24
C SER A 353 -4.97 -10.23 20.75
N SER A 354 -5.84 -11.25 20.71
CA SER A 354 -5.44 -12.60 21.15
C SER A 354 -4.45 -13.26 20.19
N TYR A 355 -4.32 -12.73 18.98
CA TYR A 355 -3.69 -13.44 17.88
C TYR A 355 -2.48 -12.72 17.30
N TRP A 356 -2.40 -11.40 17.42
CA TRP A 356 -1.34 -10.65 16.79
C TRP A 356 -0.58 -9.85 17.83
N SER A 357 0.74 -9.75 17.67
CA SER A 357 1.54 -9.12 18.71
C SER A 357 1.54 -7.59 18.63
N SER A 358 1.14 -7.00 17.50
CA SER A 358 1.00 -5.55 17.46
C SER A 358 -0.20 -5.07 18.27
N PHE A 359 -1.16 -5.95 18.55
CA PHE A 359 -2.36 -5.61 19.31
C PHE A 359 -2.35 -6.18 20.72
N LYS A 360 -1.35 -7.03 21.05
CA LYS A 360 -1.34 -7.82 22.29
C LYS A 360 -1.34 -6.96 23.55
N HIS A 361 -0.74 -5.77 23.50
CA HIS A 361 -0.77 -4.84 24.61
C HIS A 361 -2.20 -4.43 24.99
N LEU A 362 -3.15 -4.49 24.05
CA LEU A 362 -4.52 -4.09 24.37
C LEU A 362 -5.19 -5.05 25.36
N ALA A 363 -4.70 -6.30 25.49
CA ALA A 363 -5.41 -7.34 26.22
C ALA A 363 -5.16 -7.34 27.74
N GLN A 364 -4.06 -6.79 28.23
CA GLN A 364 -3.82 -6.65 29.66
C GLN A 364 -3.84 -5.17 30.03
N SER A 365 -4.56 -4.83 31.11
CA SER A 365 -4.60 -3.43 31.55
C SER A 365 -3.28 -2.96 32.13
N GLU A 366 -2.32 -3.87 32.37
CA GLU A 366 -0.95 -3.49 32.71
C GLU A 366 -0.36 -2.52 31.68
N THR A 367 -0.80 -2.59 30.42
CA THR A 367 -0.28 -1.70 29.38
C THR A 367 -1.23 -1.52 28.19
N ASN A 368 -2.52 -1.23 28.43
CA ASN A 368 -3.45 -0.93 27.33
C ASN A 368 -3.62 0.58 27.15
N ILE A 400 -22.18 13.25 -8.60
CA ILE A 400 -20.96 13.36 -7.79
C ILE A 400 -19.76 13.65 -8.69
N VAL A 401 -19.06 14.74 -8.38
CA VAL A 401 -17.92 15.22 -9.18
C VAL A 401 -16.78 15.51 -8.24
N TRP A 402 -15.56 15.28 -8.72
CA TRP A 402 -14.32 15.51 -7.97
C TRP A 402 -13.23 15.89 -8.97
N PRO A 403 -12.17 16.56 -8.49
CA PRO A 403 -11.13 17.02 -9.43
C PRO A 403 -10.37 15.88 -10.08
N GLU A 404 -9.99 16.11 -11.35
CA GLU A 404 -9.13 15.19 -12.10
C GLU A 404 -7.80 15.01 -11.38
N PRO A 405 -7.36 13.77 -11.12
CA PRO A 405 -6.01 13.56 -10.56
C PRO A 405 -4.93 14.05 -11.52
N LEU A 406 -3.80 14.46 -10.96
CA LEU A 406 -2.69 15.01 -11.72
C LEU A 406 -1.94 13.92 -12.48
N LYS A 407 -1.00 14.35 -13.33
CA LYS A 407 -0.16 13.42 -14.08
C LYS A 407 0.95 12.87 -13.19
N ARG A 408 1.28 11.59 -13.39
CA ARG A 408 2.33 10.91 -12.63
C ARG A 408 3.39 10.39 -13.60
N MET A 409 4.36 11.28 -13.98
CA MET A 409 5.42 10.83 -14.88
C MET A 409 6.58 10.27 -14.08
N PRO A 410 7.13 9.11 -14.47
CA PRO A 410 8.38 8.66 -13.87
C PRO A 410 9.53 9.58 -14.26
N ALA A 411 10.45 9.81 -13.32
CA ALA A 411 11.58 10.69 -13.58
C ALA A 411 12.47 10.12 -14.68
N SER A 412 13.20 11.02 -15.37
CA SER A 412 14.18 10.61 -16.37
C SER A 412 15.26 9.74 -15.73
N VAL A 413 15.91 10.28 -14.70
CA VAL A 413 16.72 9.53 -13.75
C VAL A 413 15.96 9.51 -12.43
N ARG A 414 15.64 8.33 -11.93
CA ARG A 414 14.91 8.28 -10.66
C ARG A 414 15.78 8.72 -9.49
N THR A 415 17.02 8.26 -9.43
CA THR A 415 17.84 8.43 -8.24
C THR A 415 19.22 8.94 -8.62
N VAL A 416 19.66 9.99 -7.94
CA VAL A 416 21.00 10.52 -8.11
C VAL A 416 21.80 10.20 -6.85
N VAL A 417 23.04 9.75 -7.03
CA VAL A 417 23.87 9.28 -5.92
C VAL A 417 25.17 10.05 -5.94
N VAL A 418 25.64 10.44 -4.76
CA VAL A 418 26.92 11.11 -4.61
C VAL A 418 27.72 10.35 -3.57
N PRO A 419 28.49 9.34 -3.95
CA PRO A 419 29.37 8.64 -3.00
C PRO A 419 30.60 9.49 -2.69
N PRO A 420 31.45 9.07 -1.76
CA PRO A 420 32.70 9.80 -1.50
C PRO A 420 33.55 9.87 -2.76
N PRO A 421 34.50 10.83 -2.83
CA PRO A 421 35.22 11.07 -4.09
C PRO A 421 35.95 9.83 -4.59
N GLY A 422 35.79 9.55 -5.90
CA GLY A 422 36.52 8.49 -6.56
C GLY A 422 35.99 7.09 -6.32
N VAL A 423 35.00 6.90 -5.45
CA VAL A 423 34.38 5.59 -5.25
C VAL A 423 33.35 5.38 -6.36
N GLU A 424 33.49 4.28 -7.09
CA GLU A 424 32.55 3.90 -8.14
C GLU A 424 31.83 2.61 -7.74
N LEU A 425 30.53 2.56 -8.02
CA LEU A 425 29.68 1.47 -7.56
C LEU A 425 28.85 0.91 -8.71
N THR A 426 28.32 -0.30 -8.49
CA THR A 426 27.32 -0.85 -9.38
C THR A 426 25.98 -0.17 -9.05
N LEU A 427 25.47 0.62 -10.00
CA LEU A 427 24.18 1.27 -9.81
C LEU A 427 23.12 0.67 -10.72
N PRO A 428 21.88 0.54 -10.23
CA PRO A 428 20.77 0.13 -11.10
C PRO A 428 20.62 1.04 -12.30
N LYS A 429 19.88 0.55 -13.31
CA LYS A 429 19.84 1.25 -14.60
C LYS A 429 19.19 2.62 -14.49
N ASN A 430 18.41 2.88 -13.44
CA ASN A 430 17.73 4.16 -13.25
C ASN A 430 18.38 5.00 -12.15
N CYS A 431 19.69 4.90 -11.99
CA CYS A 431 20.44 5.77 -11.12
C CYS A 431 21.59 6.41 -11.89
N GLN A 432 22.28 7.32 -11.21
CA GLN A 432 23.28 8.15 -11.85
C GLN A 432 24.13 8.79 -10.76
N HIS A 433 25.37 9.13 -11.12
CA HIS A 433 26.15 10.02 -10.27
C HIS A 433 25.73 11.47 -10.56
N SER A 434 26.25 12.38 -9.74
CA SER A 434 25.89 13.80 -9.91
C SER A 434 26.80 14.48 -10.94
N ILE A 437 28.44 19.92 -10.62
CA ILE A 437 28.36 21.19 -9.89
C ILE A 437 28.54 22.37 -10.83
N SER A 438 27.44 22.99 -11.25
CA SER A 438 27.52 24.10 -12.18
C SER A 438 28.06 25.34 -11.47
N GLU A 439 28.31 26.39 -12.26
CA GLU A 439 28.83 27.64 -11.69
C GLU A 439 27.76 28.39 -10.91
N SER A 440 26.51 28.36 -11.40
CA SER A 440 25.37 28.85 -10.64
C SER A 440 25.43 28.36 -9.19
N THR A 441 25.48 27.04 -9.04
CA THR A 441 25.51 26.39 -7.73
C THR A 441 26.78 26.69 -6.95
N ALA A 442 27.91 26.86 -7.64
CA ALA A 442 29.19 27.03 -6.95
C ALA A 442 29.35 28.43 -6.37
N LYS A 443 28.70 29.43 -6.96
CA LYS A 443 28.63 30.75 -6.32
C LYS A 443 27.79 30.71 -5.05
N GLU A 444 26.68 29.97 -5.09
CA GLU A 444 25.80 29.86 -3.92
C GLU A 444 26.52 29.29 -2.70
N VAL A 445 27.34 28.27 -2.89
CA VAL A 445 28.05 27.68 -1.75
C VAL A 445 28.98 28.70 -1.12
N GLN A 446 29.60 29.56 -1.94
CA GLN A 446 30.45 30.61 -1.37
C GLN A 446 29.60 31.68 -0.67
N ARG A 447 28.51 32.10 -1.31
CA ARG A 447 27.53 33.00 -0.68
C ARG A 447 27.17 32.53 0.73
N ILE A 448 26.73 31.28 0.85
CA ILE A 448 26.35 30.70 2.14
C ILE A 448 27.54 30.64 3.09
N ARG A 449 28.74 30.38 2.56
CA ARG A 449 29.90 30.15 3.42
C ARG A 449 30.33 31.42 4.13
N ASP A 450 30.31 32.55 3.43
CA ASP A 450 30.74 33.80 4.03
C ASP A 450 29.78 34.23 5.13
N LYS A 451 28.48 33.97 4.95
CA LYS A 451 27.47 34.47 5.87
C LYS A 451 27.39 33.65 7.15
N HIS A 452 27.25 32.32 7.02
CA HIS A 452 26.90 31.46 8.16
C HIS A 452 28.04 30.58 8.63
N PHE A 453 29.10 30.42 7.86
CA PHE A 453 30.21 29.61 8.31
C PHE A 453 31.51 30.33 7.99
N ASP A 455 34.55 30.47 11.04
CA ASP A 455 34.33 30.16 9.63
C ASP A 455 34.77 28.72 9.32
N LEU A 456 34.57 28.29 8.07
CA LEU A 456 34.88 26.92 7.64
C LEU A 456 35.60 26.95 6.31
N THR A 457 36.58 26.05 6.15
CA THR A 457 37.36 25.99 4.92
C THR A 457 37.72 24.58 4.47
N ASP A 458 37.51 23.55 5.30
CA ASP A 458 37.57 22.14 4.91
C ASP A 458 37.00 21.94 3.52
N GLN A 459 37.84 22.11 2.47
CA GLN A 459 37.37 22.22 1.08
C GLN A 459 36.64 20.95 0.52
N ASN A 460 36.34 19.85 1.23
CA ASN A 460 35.46 18.84 0.64
C ASN A 460 34.07 18.82 1.28
N ILE A 461 33.95 19.09 2.59
CA ILE A 461 32.62 19.34 3.12
C ILE A 461 32.00 20.57 2.47
N LEU A 462 32.81 21.39 1.81
CA LEU A 462 32.32 22.39 0.87
C LEU A 462 31.90 21.77 -0.45
N ARG A 463 32.47 20.61 -0.82
CA ARG A 463 31.97 19.90 -2.00
C ARG A 463 30.66 19.18 -1.70
N SER A 464 30.49 18.70 -0.47
CA SER A 464 29.26 18.04 -0.07
C SER A 464 28.06 18.99 -0.25
N LEU A 465 28.22 20.24 0.18
CA LEU A 465 27.16 21.24 0.02
C LEU A 465 26.97 21.68 -1.42
N GLY A 466 28.00 21.59 -2.26
CA GLY A 466 27.74 21.71 -3.69
C GLY A 466 26.88 20.57 -4.18
N ASN A 467 27.14 19.35 -3.68
CA ASN A 467 26.38 18.19 -4.10
C ASN A 467 24.94 18.27 -3.60
N ILE A 468 24.76 18.58 -2.32
CA ILE A 468 23.43 18.71 -1.72
C ILE A 468 22.57 19.68 -2.51
N ILE A 469 23.11 20.85 -2.84
CA ILE A 469 22.32 21.86 -3.52
C ILE A 469 21.99 21.42 -4.95
N SER A 470 23.00 20.97 -5.70
CA SER A 470 22.75 20.57 -7.09
C SER A 470 21.81 19.37 -7.18
N VAL A 471 21.86 18.47 -6.20
CA VAL A 471 20.91 17.36 -6.16
C VAL A 471 19.50 17.86 -5.83
N LEU A 472 19.39 18.74 -4.82
CA LEU A 472 18.09 19.32 -4.46
C LEU A 472 17.50 20.12 -5.62
N ASP A 473 18.33 20.91 -6.31
CA ASP A 473 17.83 21.66 -7.47
C ASP A 473 17.27 20.73 -8.53
N ARG A 474 17.93 19.57 -8.73
CA ARG A 474 17.45 18.62 -9.72
C ARG A 474 16.15 17.96 -9.29
N MET A 475 15.95 17.75 -7.99
CA MET A 475 14.75 17.07 -7.51
C MET A 475 13.52 17.96 -7.65
N MET A 476 13.62 19.21 -7.21
CA MET A 476 12.48 20.11 -7.12
C MET A 476 12.21 20.85 -8.43
N ARG A 477 13.23 21.53 -8.97
CA ARG A 477 13.04 22.29 -10.21
C ARG A 477 12.69 21.40 -11.40
N SER A 478 12.89 20.09 -11.29
CA SER A 478 12.78 19.20 -12.42
C SER A 478 11.90 17.99 -12.10
N ASP A 479 11.19 17.53 -13.12
CA ASP A 479 10.55 16.22 -13.12
C ASP A 479 11.47 15.13 -13.67
N GLU A 480 12.74 15.46 -13.94
CA GLU A 480 13.68 14.51 -14.54
C GLU A 480 14.54 13.77 -13.52
N VAL A 481 14.61 14.25 -12.28
CA VAL A 481 15.21 13.54 -11.16
C VAL A 481 14.19 13.49 -10.02
N CYS A 482 14.11 12.34 -9.36
CA CYS A 482 13.09 12.14 -8.32
C CYS A 482 13.65 12.27 -6.92
N ASN A 483 14.60 11.44 -6.53
CA ASN A 483 15.17 11.56 -5.20
C ASN A 483 16.69 11.45 -5.31
N GLY A 484 17.35 11.23 -4.19
CA GLY A 484 18.80 11.22 -4.22
C GLY A 484 19.38 10.91 -2.86
N CYS A 485 20.62 10.42 -2.90
CA CYS A 485 21.38 10.11 -1.70
C CYS A 485 22.76 10.76 -1.79
N VAL A 486 23.16 11.47 -0.74
CA VAL A 486 24.48 12.11 -0.69
C VAL A 486 25.20 11.63 0.56
N VAL A 487 26.49 11.33 0.42
CA VAL A 487 27.35 10.97 1.54
C VAL A 487 28.08 12.22 2.01
N VAL A 488 28.09 12.45 3.32
CA VAL A 488 28.58 13.70 3.89
C VAL A 488 29.44 13.37 5.11
N SER A 489 30.18 14.36 5.58
CA SER A 489 31.09 14.17 6.70
C SER A 489 30.76 15.04 7.90
N ASP A 490 30.32 16.28 7.67
CA ASP A 490 29.93 17.18 8.74
C ASP A 490 28.42 17.28 8.72
N LEU A 491 27.77 16.88 9.82
CA LEU A 491 26.32 16.78 9.82
C LEU A 491 25.65 18.14 9.87
N SER A 492 25.99 18.96 10.85
CA SER A 492 25.18 20.15 11.12
C SER A 492 25.27 21.17 9.98
N VAL A 493 26.44 21.30 9.36
CA VAL A 493 26.52 22.19 8.19
C VAL A 493 25.72 21.62 7.04
N SER A 494 25.82 20.31 6.83
CA SER A 494 25.09 19.67 5.72
C SER A 494 23.58 19.73 5.93
N VAL A 495 23.11 19.47 7.16
CA VAL A 495 21.69 19.51 7.43
C VAL A 495 21.15 20.93 7.28
N GLN A 496 21.86 21.91 7.83
CA GLN A 496 21.44 23.30 7.72
C GLN A 496 21.19 23.70 6.27
N CYS A 497 22.17 23.49 5.38
CA CYS A 497 22.01 23.94 4.00
C CYS A 497 20.96 23.12 3.27
N ALA A 498 21.00 21.81 3.43
CA ALA A 498 19.95 20.98 2.86
C ALA A 498 18.58 21.52 3.24
N LEU A 499 18.37 21.73 4.54
CA LEU A 499 17.07 22.16 5.03
C LEU A 499 16.75 23.60 4.60
N GLN A 500 17.68 24.54 4.84
CA GLN A 500 17.40 25.92 4.48
C GLN A 500 17.28 26.10 2.98
N HIS A 501 18.05 25.35 2.19
CA HIS A 501 17.91 25.46 0.75
C HIS A 501 16.60 24.85 0.26
N ALA A 502 16.05 23.91 1.03
CA ALA A 502 14.77 23.33 0.65
C ALA A 502 13.60 24.25 1.03
N LEU A 503 13.69 24.90 2.20
CA LEU A 503 12.64 25.81 2.65
C LEU A 503 12.55 27.04 1.76
N THR A 504 13.69 27.71 1.54
CA THR A 504 13.76 28.87 0.64
C THR A 504 14.00 28.37 -0.79
N GLU A 505 12.94 27.84 -1.40
CA GLU A 505 12.99 27.23 -2.73
C GLU A 505 11.75 27.48 -3.58
N PRO A 506 10.52 27.46 -3.02
CA PRO A 506 10.11 27.02 -1.68
C PRO A 506 9.53 25.59 -1.68
N ALA A 507 9.76 24.89 -0.56
CA ALA A 507 9.04 23.65 -0.24
C ALA A 507 8.18 23.97 0.99
N GLU A 508 6.85 23.95 0.81
CA GLU A 508 5.92 24.30 1.88
C GLU A 508 6.35 23.67 3.21
N ARG A 509 6.46 22.34 3.24
CA ARG A 509 6.82 21.60 4.43
C ARG A 509 7.96 20.64 4.13
N VAL A 510 8.77 20.39 5.16
CA VAL A 510 9.85 19.42 5.11
C VAL A 510 9.65 18.44 6.25
N LEU A 511 9.60 17.16 5.95
CA LEU A 511 9.66 16.12 6.96
C LEU A 511 11.09 15.63 7.05
N VAL A 512 11.65 15.62 8.26
CA VAL A 512 13.02 15.23 8.53
C VAL A 512 13.00 13.97 9.37
N VAL A 513 13.71 12.93 8.93
CA VAL A 513 13.76 11.65 9.64
C VAL A 513 15.22 11.36 9.97
N TYR A 514 15.55 11.36 11.26
CA TYR A 514 16.93 11.34 11.74
C TYR A 514 17.18 10.14 12.64
N VAL A 515 18.18 9.35 12.31
CA VAL A 515 18.64 8.23 13.16
C VAL A 515 19.96 8.66 13.78
N GLY A 516 19.96 8.89 15.09
CA GLY A 516 21.15 9.31 15.79
C GLY A 516 20.81 10.13 17.02
N ASP A 517 21.84 10.66 17.64
CA ASP A 517 21.69 11.44 18.87
C ASP A 517 22.28 12.84 18.68
N GLY A 518 22.15 13.65 19.72
CA GLY A 518 22.48 15.05 19.61
C GLY A 518 21.39 15.84 18.92
N GLU A 519 21.47 17.16 19.05
CA GLU A 519 20.54 18.05 18.38
C GLU A 519 21.16 18.53 17.08
N LEU A 520 20.30 18.80 16.10
CA LEU A 520 20.72 19.34 14.83
C LEU A 520 20.23 20.76 14.66
N PRO A 521 20.79 21.51 13.71
CA PRO A 521 20.25 22.85 13.41
C PRO A 521 18.90 22.79 12.69
N VAL A 522 17.89 22.27 13.36
CA VAL A 522 16.52 22.18 12.85
C VAL A 522 15.59 22.86 13.84
N LYS A 523 14.85 23.87 13.38
CA LYS A 523 13.81 24.51 14.17
C LYS A 523 12.45 23.94 13.80
N THR A 524 11.79 23.30 14.77
CA THR A 524 10.40 22.87 14.68
C THR A 524 9.43 23.99 15.09
N ASN A 525 9.80 25.23 14.78
CA ASN A 525 9.16 26.43 15.30
C ASN A 525 7.78 26.65 14.72
N ASP A 526 7.75 27.03 13.44
CA ASP A 526 6.51 27.05 12.67
C ASP A 526 6.06 25.62 12.38
N GLY A 527 5.00 25.53 11.58
CA GLY A 527 4.53 24.21 11.21
C GLY A 527 5.13 23.79 9.89
N LYS A 528 6.38 24.21 9.64
CA LYS A 528 7.03 23.97 8.36
C LYS A 528 7.97 22.79 8.39
N VAL A 529 8.39 22.36 9.58
CA VAL A 529 9.24 21.19 9.72
C VAL A 529 8.60 20.26 10.76
N PHE A 530 8.56 18.97 10.45
CA PHE A 530 8.31 17.93 11.44
C PHE A 530 9.52 17.01 11.52
N LEU A 531 9.91 16.67 12.74
CA LEU A 531 11.16 15.97 12.99
C LEU A 531 10.89 14.62 13.67
N VAL A 532 11.16 13.53 12.94
CA VAL A 532 11.20 12.19 13.51
C VAL A 532 12.64 11.87 13.88
N GLN A 533 12.89 11.48 15.12
CA GLN A 533 14.24 11.16 15.56
C GLN A 533 14.24 9.77 16.19
N ILE A 534 15.24 8.97 15.81
CA ILE A 534 15.39 7.59 16.25
C ILE A 534 16.72 7.54 17.00
N CYS A 535 16.65 7.52 18.33
CA CYS A 535 17.84 7.69 19.15
C CYS A 535 17.99 6.51 20.11
N THR A 536 19.00 6.62 20.97
CA THR A 536 19.25 5.64 22.03
C THR A 536 19.07 6.20 23.43
N LYS A 537 19.42 7.47 23.67
CA LYS A 537 19.18 8.11 24.96
C LYS A 537 17.77 8.70 25.00
N GLU A 538 17.06 8.47 26.10
CA GLU A 538 15.68 8.93 26.21
C GLU A 538 15.62 10.45 26.35
N THR A 539 14.74 11.08 25.56
CA THR A 539 14.65 12.53 25.49
C THR A 539 13.20 12.96 25.68
N GLU A 540 12.92 13.73 26.73
CA GLU A 540 11.58 14.27 26.92
C GLU A 540 11.22 15.23 25.78
N ASP A 541 10.09 14.95 25.13
CA ASP A 541 9.55 15.81 24.08
C ASP A 541 8.71 16.92 24.70
N LYS A 542 8.73 18.09 24.09
CA LYS A 542 7.94 19.20 24.59
C LYS A 542 6.72 19.48 23.71
N CYS A 543 6.94 19.78 22.42
CA CYS A 543 5.84 20.14 21.50
C CYS A 543 5.50 19.08 20.46
N VAL A 544 4.43 19.33 19.71
CA VAL A 544 3.78 18.30 18.90
C VAL A 544 4.30 18.31 17.48
N ASN A 545 5.47 18.92 17.24
CA ASN A 545 6.04 18.87 15.89
C ASN A 545 7.37 18.11 15.86
N ARG A 546 7.67 17.37 16.92
CA ARG A 546 8.82 16.48 17.01
C ARG A 546 8.33 15.17 17.62
N LEU A 547 8.90 14.05 17.16
CA LEU A 547 8.51 12.71 17.63
C LEU A 547 9.79 11.91 17.86
N THR A 548 10.10 11.62 19.12
CA THR A 548 11.38 11.04 19.51
C THR A 548 11.16 9.63 20.04
N LEU A 549 11.80 8.66 19.39
CA LEU A 549 11.63 7.23 19.69
C LEU A 549 12.94 6.68 20.19
N CYS A 550 13.01 6.40 21.48
CA CYS A 550 14.18 5.75 22.07
C CYS A 550 13.81 4.28 22.27
N LEU A 551 14.23 3.44 21.33
CA LEU A 551 13.94 2.02 21.41
C LEU A 551 15.06 1.29 22.12
N ARG A 552 14.69 0.38 23.03
CA ARG A 552 15.70 -0.41 23.73
C ARG A 552 16.48 -1.28 22.74
N GLU A 553 17.80 -1.18 22.80
CA GLU A 553 18.67 -1.89 21.86
C GLU A 553 18.70 -3.39 22.17
N GLY A 554 18.71 -4.20 21.11
CA GLY A 554 18.80 -5.63 21.29
C GLY A 554 18.03 -6.39 20.21
N GLU A 555 17.46 -7.51 20.62
CA GLU A 555 16.83 -8.46 19.71
C GLU A 555 15.48 -7.95 19.20
N SER A 556 14.72 -7.28 20.07
CA SER A 556 13.41 -6.72 19.75
C SER A 556 13.50 -5.34 19.10
N LEU A 557 14.70 -4.88 18.75
CA LEU A 557 14.81 -3.57 18.11
C LEU A 557 14.18 -3.56 16.74
N THR A 558 14.17 -4.71 16.05
CA THR A 558 13.64 -4.72 14.68
C THR A 558 12.12 -4.67 14.66
N ALA A 559 11.46 -5.47 15.50
CA ALA A 559 10.00 -5.46 15.53
C ALA A 559 9.47 -4.13 16.09
N GLY A 560 10.13 -3.58 17.10
CA GLY A 560 9.69 -2.32 17.65
C GLY A 560 9.75 -1.19 16.63
N PHE A 561 10.85 -1.11 15.88
CA PHE A 561 10.96 -0.08 14.87
C PHE A 561 9.83 -0.20 13.84
N MET A 562 9.49 -1.43 13.44
CA MET A 562 8.42 -1.60 12.45
C MET A 562 7.07 -1.19 13.02
N GLN A 563 6.81 -1.49 14.30
CA GLN A 563 5.53 -1.10 14.88
C GLN A 563 5.42 0.43 14.96
N ALA A 564 6.53 1.09 15.30
CA ALA A 564 6.56 2.56 15.32
C ALA A 564 6.41 3.13 13.92
N LEU A 565 7.10 2.54 12.94
CA LEU A 565 6.98 3.01 11.56
C LEU A 565 5.54 2.94 11.07
N LEU A 566 4.89 1.81 11.30
CA LEU A 566 3.54 1.60 10.78
C LEU A 566 2.50 2.37 11.58
N GLY A 567 2.68 2.48 12.90
CA GLY A 567 1.63 3.02 13.73
C GLY A 567 1.84 4.41 14.28
N LEU A 568 3.02 5.01 14.08
CA LEU A 568 3.28 6.38 14.51
C LEU A 568 3.85 7.23 13.37
N ILE A 569 4.95 6.78 12.76
CA ILE A 569 5.64 7.63 11.80
C ILE A 569 4.80 7.83 10.55
N LEU A 570 4.33 6.75 9.94
CA LEU A 570 3.52 6.91 8.73
C LEU A 570 2.25 7.70 8.96
N PRO A 571 1.47 7.49 10.03
CA PRO A 571 0.25 8.31 10.18
C PRO A 571 0.54 9.80 10.30
N VAL A 572 1.58 10.20 11.04
CA VAL A 572 1.88 11.63 11.17
C VAL A 572 2.42 12.17 9.86
N ALA A 573 3.39 11.47 9.27
CA ALA A 573 3.94 11.92 8.00
C ALA A 573 2.85 12.16 6.97
N TYR A 574 1.86 11.27 6.93
CA TYR A 574 0.82 11.38 5.91
C TYR A 574 -0.07 12.59 6.15
N GLU A 575 -0.36 12.91 7.41
CA GLU A 575 -1.18 14.08 7.68
C GLU A 575 -0.37 15.37 7.47
N PHE A 576 0.91 15.35 7.87
CA PHE A 576 1.78 16.50 7.67
C PHE A 576 1.87 16.88 6.20
N ASN A 577 1.92 15.88 5.32
CA ASN A 577 1.94 16.06 3.87
C ASN A 577 3.14 16.89 3.45
N PRO A 578 4.36 16.40 3.67
CA PRO A 578 5.55 17.22 3.35
C PRO A 578 5.74 17.36 1.85
N ALA A 579 6.44 18.42 1.47
CA ALA A 579 6.83 18.57 0.07
C ALA A 579 8.18 17.92 -0.22
N LEU A 580 8.98 17.70 0.82
CA LEU A 580 10.28 17.06 0.75
C LEU A 580 10.49 16.25 2.03
N VAL A 581 11.15 15.10 1.88
CA VAL A 581 11.55 14.26 2.99
C VAL A 581 13.06 14.26 3.07
N LEU A 582 13.59 14.58 4.24
CA LEU A 582 15.04 14.62 4.43
C LEU A 582 15.43 13.50 5.40
N GLY A 583 16.16 12.51 4.91
CA GLY A 583 16.67 11.43 5.74
C GLY A 583 18.11 11.67 6.14
N ILE A 584 18.42 11.33 7.39
CA ILE A 584 19.72 11.67 7.96
C ILE A 584 20.13 10.53 8.86
N VAL A 585 21.28 9.92 8.57
CA VAL A 585 21.80 8.83 9.38
C VAL A 585 23.16 9.23 9.92
N GLU A 586 23.30 9.19 11.23
CA GLU A 586 24.55 9.47 11.92
C GLU A 586 25.49 8.28 11.78
N GLU A 587 26.80 8.56 11.80
CA GLU A 587 27.80 7.49 11.72
C GLU A 587 27.77 6.69 13.01
N THR A 588 27.10 5.54 12.97
CA THR A 588 27.07 4.61 14.08
C THR A 588 26.98 3.20 13.51
N THR A 592 24.51 0.00 11.15
CA THR A 592 24.74 -1.11 12.06
C THR A 592 23.47 -1.82 12.55
N ARG A 593 22.88 -1.26 13.62
CA ARG A 593 21.81 -1.92 14.36
C ARG A 593 20.51 -1.98 13.57
N LEU A 594 20.31 -1.04 12.65
CA LEU A 594 19.07 -0.95 11.88
C LEU A 594 19.33 -1.09 10.39
N MET A 595 20.44 -1.71 9.99
CA MET A 595 20.62 -2.07 8.59
C MET A 595 19.55 -3.02 8.10
N ARG A 596 18.81 -3.67 9.01
CA ARG A 596 17.74 -4.58 8.61
C ARG A 596 16.44 -3.86 8.28
N VAL A 597 16.20 -2.66 8.81
CA VAL A 597 14.91 -1.99 8.66
C VAL A 597 14.95 -0.80 7.72
N TRP A 598 16.13 -0.36 7.31
CA TRP A 598 16.25 0.93 6.65
C TRP A 598 15.59 0.93 5.26
N GLY A 599 15.64 -0.20 4.55
CA GLY A 599 15.06 -0.26 3.22
C GLY A 599 13.54 -0.21 3.25
N HIS A 600 12.93 -0.84 4.25
CA HIS A 600 11.49 -0.77 4.40
C HIS A 600 11.02 0.66 4.60
N MET A 601 11.68 1.38 5.51
CA MET A 601 11.28 2.75 5.77
C MET A 601 11.44 3.61 4.52
N THR A 602 12.59 3.49 3.85
CA THR A 602 12.86 4.30 2.68
C THR A 602 11.81 4.07 1.61
N CYS A 603 11.38 2.83 1.44
CA CYS A 603 10.34 2.53 0.47
C CYS A 603 8.99 3.09 0.90
N LEU A 604 8.59 2.83 2.16
CA LEU A 604 7.29 3.29 2.62
C LEU A 604 7.21 4.82 2.62
N ILE A 605 8.26 5.50 3.08
CA ILE A 605 8.26 6.94 3.21
C ILE A 605 8.16 7.65 1.87
N GLN A 606 8.46 6.97 0.76
CA GLN A 606 8.28 7.57 -0.55
C GLN A 606 6.83 7.75 -0.95
N GLY A 607 5.88 7.24 -0.15
CA GLY A 607 4.50 7.70 -0.28
C GLY A 607 4.29 9.17 0.05
N LEU A 608 5.25 9.81 0.72
CA LEU A 608 5.17 11.25 0.93
C LEU A 608 5.91 12.01 -0.17
N ALA A 609 5.46 13.24 -0.41
CA ALA A 609 6.21 14.23 -1.20
C ALA A 609 6.45 13.79 -2.64
N ARG A 610 5.52 13.02 -3.22
CA ARG A 610 5.69 12.42 -4.56
C ARG A 610 7.04 11.72 -4.71
N GLY A 611 7.59 11.18 -3.63
CA GLY A 611 8.82 10.42 -3.69
C GLY A 611 10.08 11.24 -3.52
N ARG A 612 9.98 12.58 -3.46
CA ARG A 612 11.17 13.42 -3.37
C ARG A 612 11.74 13.29 -1.96
N MET A 613 12.78 12.48 -1.81
CA MET A 613 13.47 12.28 -0.54
C MET A 613 14.97 12.39 -0.73
N LEU A 614 15.63 13.20 0.10
CA LEU A 614 17.07 13.35 0.04
C LEU A 614 17.67 12.79 1.31
N THR A 615 18.53 11.78 1.17
CA THR A 615 19.14 11.10 2.30
C THR A 615 20.62 11.48 2.42
N LEU A 616 21.03 11.85 3.64
CA LEU A 616 22.40 12.19 3.97
C LEU A 616 22.95 11.08 4.85
N LEU A 617 23.94 10.35 4.36
CA LEU A 617 24.61 9.33 5.15
C LEU A 617 25.95 9.88 5.63
N GLN A 618 26.13 9.92 6.95
CA GLN A 618 27.36 10.43 7.55
C GLN A 618 28.36 9.29 7.65
N GLY A 619 29.43 9.36 6.86
CA GLY A 619 30.37 8.28 6.70
C GLY A 619 30.00 7.37 5.53
N TYR A 620 30.97 6.56 5.11
CA TYR A 620 30.76 5.59 4.05
C TYR A 620 30.49 4.22 4.66
N ASP A 621 29.40 3.59 4.24
CA ASP A 621 29.14 2.19 4.51
C ASP A 621 28.66 1.61 3.19
N LYS A 622 29.52 0.82 2.52
CA LYS A 622 29.18 0.30 1.21
C LYS A 622 27.78 -0.30 1.19
N ASP A 623 27.42 -1.04 2.25
CA ASP A 623 26.19 -1.81 2.23
C ASP A 623 24.99 -0.97 2.61
N LEU A 624 25.13 -0.07 3.59
CA LEU A 624 24.04 0.85 3.88
C LEU A 624 23.77 1.74 2.68
N LEU A 625 24.82 2.17 1.99
CA LEU A 625 24.63 3.01 0.82
C LEU A 625 24.06 2.20 -0.36
N GLU A 626 24.53 0.97 -0.55
CA GLU A 626 23.92 0.12 -1.57
C GLU A 626 22.43 -0.05 -1.30
N LEU A 627 22.07 -0.21 -0.02
CA LEU A 627 20.69 -0.51 0.36
C LEU A 627 19.78 0.72 0.20
N THR A 628 20.28 1.91 0.57
CA THR A 628 19.51 3.13 0.42
C THR A 628 19.20 3.40 -1.04
N VAL A 629 20.23 3.36 -1.90
CA VAL A 629 20.05 3.62 -3.32
C VAL A 629 19.04 2.63 -3.93
N SER A 630 19.08 1.39 -3.46
CA SER A 630 18.22 0.38 -4.08
C SER A 630 16.75 0.64 -3.74
N ALA A 631 16.47 0.96 -2.47
CA ALA A 631 15.10 1.30 -2.11
C ALA A 631 14.65 2.59 -2.78
N LEU A 632 15.54 3.60 -2.85
CA LEU A 632 15.18 4.83 -3.54
C LEU A 632 14.94 4.62 -5.02
N SER A 633 15.69 3.69 -5.64
CA SER A 633 15.53 3.40 -7.05
C SER A 633 14.23 2.68 -7.35
N GLY A 634 13.53 2.18 -6.34
CA GLY A 634 12.30 1.47 -6.56
C GLY A 634 12.47 -0.02 -6.70
N ALA A 635 13.63 -0.56 -6.36
CA ALA A 635 13.87 -1.98 -6.37
C ALA A 635 13.05 -2.68 -5.29
N SER A 636 13.10 -4.01 -5.33
CA SER A 636 12.43 -4.83 -4.34
C SER A 636 13.12 -4.78 -3.00
N ILE A 637 12.34 -4.94 -1.96
CA ILE A 637 12.81 -4.88 -0.58
C ILE A 637 12.90 -6.32 -0.08
N SER A 638 14.01 -6.68 0.51
CA SER A 638 14.17 -8.01 1.10
C SER A 638 13.25 -8.16 2.30
N PRO A 639 12.51 -9.26 2.42
CA PRO A 639 11.62 -9.43 3.58
C PRO A 639 12.39 -9.53 4.89
N LEU A 640 11.70 -9.21 5.98
CA LEU A 640 12.27 -9.29 7.32
C LEU A 640 12.11 -10.66 7.96
N GLY A 641 11.17 -11.45 7.45
CA GLY A 641 10.69 -12.61 8.16
C GLY A 641 9.82 -12.18 9.32
N PRO A 642 9.20 -13.15 9.99
CA PRO A 642 8.61 -12.75 11.28
C PRO A 642 9.70 -12.70 12.38
N ARG A 644 10.47 -11.53 15.80
CA ARG A 644 10.55 -11.58 17.26
C ARG A 644 9.88 -10.35 17.91
N ALA A 645 8.67 -10.58 18.48
CA ALA A 645 7.78 -9.62 19.13
C ALA A 645 8.50 -8.49 19.87
N PRO A 646 7.92 -7.29 19.93
CA PRO A 646 8.62 -6.16 20.53
C PRO A 646 8.55 -6.15 22.06
N LYS A 647 9.57 -5.53 22.65
CA LYS A 647 9.66 -5.45 24.11
C LYS A 647 8.52 -4.58 24.67
N PRO A 648 7.85 -5.01 25.73
CA PRO A 648 6.71 -4.21 26.25
C PRO A 648 7.10 -2.81 26.68
N GLU A 649 8.34 -2.61 27.14
CA GLU A 649 8.79 -1.25 27.47
C GLU A 649 8.74 -0.36 26.24
N ASP A 650 9.04 -0.92 25.07
CA ASP A 650 9.02 -0.16 23.81
C ASP A 650 7.60 0.19 23.38
N VAL A 651 6.63 -0.70 23.65
CA VAL A 651 5.26 -0.40 23.27
C VAL A 651 4.66 0.61 24.23
N GLU A 652 5.00 0.53 25.52
CA GLU A 652 4.64 1.59 26.45
C GLU A 652 5.14 2.94 25.95
N MET A 653 6.40 2.99 25.52
CA MET A 653 6.99 4.23 25.02
C MET A 653 6.23 4.75 23.79
N MET A 654 5.84 3.85 22.89
CA MET A 654 5.17 4.27 21.66
C MET A 654 3.73 4.73 21.93
N GLU A 655 3.03 4.05 22.85
CA GLU A 655 1.67 4.49 23.17
C GLU A 655 1.66 5.80 23.96
N LYS A 656 2.68 6.05 24.80
CA LYS A 656 2.78 7.37 25.40
C LYS A 656 2.97 8.44 24.32
N GLN A 657 3.66 8.10 23.21
CA GLN A 657 3.81 9.08 22.13
C GLN A 657 2.50 9.28 21.37
N ARG A 658 1.75 8.20 21.13
CA ARG A 658 0.43 8.37 20.54
C ARG A 658 -0.46 9.23 21.42
N GLN A 659 -0.48 8.96 22.73
CA GLN A 659 -1.29 9.77 23.64
C GLN A 659 -0.91 11.24 23.53
N ARG A 660 0.38 11.52 23.36
CA ARG A 660 0.90 12.88 23.37
C ARG A 660 0.65 13.63 22.07
N LEU A 661 0.47 12.92 20.95
CA LEU A 661 0.39 13.54 19.63
C LEU A 661 -0.98 13.40 18.95
N GLN A 662 -1.85 12.52 19.42
CA GLN A 662 -3.04 12.24 18.62
C GLN A 662 -4.08 13.36 18.68
N GLU A 663 -3.95 14.34 19.59
CA GLU A 663 -4.88 15.46 19.51
C GLU A 663 -4.49 16.45 18.42
N ARG A 664 -3.18 16.66 18.21
CA ARG A 664 -2.75 17.43 17.06
C ARG A 664 -2.84 16.63 15.76
N TRP A 665 -2.44 15.35 15.78
CA TRP A 665 -2.36 14.53 14.57
C TRP A 665 -3.39 13.39 14.61
N GLY A 666 -4.62 13.70 14.16
CA GLY A 666 -5.74 12.78 14.34
C GLY A 666 -5.57 11.44 13.68
N LEU A 667 -4.86 11.40 12.56
CA LEU A 667 -4.61 10.14 11.87
C LEU A 667 -3.86 9.13 12.74
N LEU A 668 -3.33 9.55 13.89
CA LEU A 668 -2.75 8.62 14.85
C LEU A 668 -3.80 7.85 15.64
N ARG A 669 -5.07 8.28 15.59
CA ARG A 669 -6.07 7.71 16.47
C ARG A 669 -6.46 6.32 15.98
N CYS A 670 -6.60 5.38 16.93
CA CYS A 670 -7.13 4.06 16.67
C CYS A 670 -8.09 3.61 17.78
N THR A 671 -8.71 4.58 18.46
CA THR A 671 -9.78 4.39 19.42
C THR A 671 -10.72 5.58 19.26
N VAL A 672 -11.97 5.41 19.68
CA VAL A 672 -12.83 6.58 19.75
C VAL A 672 -12.38 7.42 20.94
N SER A 673 -12.33 8.73 20.75
CA SER A 673 -12.02 9.67 21.83
C SER A 673 -13.25 9.86 22.71
N GLU A 674 -13.02 10.21 23.96
CA GLU A 674 -14.17 10.38 24.85
C GLU A 674 -14.61 11.84 24.89
N SER A 675 -15.91 12.05 24.73
CA SER A 675 -16.52 13.36 24.91
C SER A 675 -16.32 13.88 26.34
N TRP A 676 -16.38 15.19 26.49
CA TRP A 676 -16.52 15.80 27.81
C TRP A 676 -17.84 15.36 28.45
#